data_7JW3
#
_entry.id   7JW3
#
_cell.length_a   219.224
_cell.length_b   219.224
_cell.length_c   39.382
_cell.angle_alpha   90.000
_cell.angle_beta   90.000
_cell.angle_gamma   120.000
#
_symmetry.space_group_name_H-M   'P 62'
#
_entity_poly.entity_id   1
_entity_poly.type   'polypeptide(L)'
_entity_poly.pdbx_seq_one_letter_code
;SDNNSEDE(MSE)L(MSE)V(MSE)PNASTSSGESGRCFDDERIKIVPHIGWRAGIGDRDFDIELDENIANWFEGFRDSF
KTFKKGPLISQRLQ(MSE)FY(MSE)NTRNPYEWSLKLFANCPDHNSPKSNSLAYTVLEE(MSE)RNFKKHYNLGTDQLV
DDNLR(MSE)VAFNFVAKQGHCLLFR(MSE)VVDIFEFLQCRDLFIPKVRE(MSE)IARKQYKEAGQIAIDLELFEEFDE
HDFV(MSE)PLF(MSE)QDKISIAEDYLNKAERLQGPVVQLLDSFFDKRQSVESHCSRYITEHEVTDVYYSKLHQKPLSK
LVQRLAKNYNIPRQFTPNVNK(MSE)KNFGALQFLVHKRYYEKSLNKDSWDE(MSE)VRDTVSETDRELQLELVCLCSNF
NDQPEAAKWAFHYQLKRSDLPLLVQDYILEQEG
;
_entity_poly.pdbx_strand_id   C,A,B
#
# COMPACT_ATOMS: atom_id res chain seq x y z
N ASP A 48 20.31 -8.82 31.54
CA ASP A 48 20.45 -8.99 30.10
C ASP A 48 21.31 -7.86 29.52
N PHE A 49 22.58 -7.81 29.92
CA PHE A 49 23.49 -6.76 29.52
C PHE A 49 24.82 -7.39 29.14
N ASP A 50 25.13 -7.39 27.85
CA ASP A 50 26.37 -8.00 27.40
C ASP A 50 27.50 -6.99 27.45
N ILE A 51 28.70 -7.49 27.74
CA ILE A 51 29.89 -6.63 27.93
C ILE A 51 30.57 -6.58 26.57
N GLU A 52 29.94 -5.84 25.65
CA GLU A 52 30.36 -5.71 24.26
C GLU A 52 31.61 -4.87 24.07
N LEU A 53 32.15 -4.27 25.12
CA LEU A 53 33.34 -3.43 24.97
C LEU A 53 34.55 -4.24 24.54
N ASP A 54 35.21 -3.79 23.47
CA ASP A 54 36.40 -4.46 22.98
C ASP A 54 37.64 -4.02 23.76
N GLU A 55 38.79 -4.57 23.39
CA GLU A 55 40.05 -4.18 23.99
C GLU A 55 41.04 -3.75 22.90
N ASN A 56 42.26 -3.41 23.31
CA ASN A 56 43.25 -2.92 22.37
C ASN A 56 43.92 -4.04 21.59
N ILE A 57 44.06 -5.23 22.17
CA ILE A 57 44.61 -6.33 21.39
C ILE A 57 43.68 -6.70 20.24
N ALA A 58 42.36 -6.65 20.48
CA ALA A 58 41.37 -7.06 19.49
C ALA A 58 40.85 -5.94 18.58
N ASN A 59 40.76 -4.70 19.08
CA ASN A 59 40.04 -3.65 18.33
C ASN A 59 40.74 -3.28 17.03
N TRP A 60 42.06 -3.12 17.05
CA TRP A 60 42.76 -2.75 15.82
C TRP A 60 42.66 -3.87 14.78
N PHE A 61 42.64 -5.11 15.25
CA PHE A 61 42.41 -6.26 14.37
C PHE A 61 41.05 -6.16 13.68
N GLU A 62 40.01 -5.76 14.42
CA GLU A 62 38.68 -5.63 13.84
C GLU A 62 38.59 -4.50 12.82
N GLY A 63 39.25 -3.37 13.08
CA GLY A 63 39.18 -2.25 12.15
C GLY A 63 39.70 -2.59 10.77
N PHE A 64 40.82 -3.32 10.70
CA PHE A 64 41.30 -3.80 9.40
C PHE A 64 40.40 -4.87 8.81
N ARG A 65 39.77 -5.69 9.66
CA ARG A 65 38.86 -6.71 9.16
C ARG A 65 37.72 -6.08 8.36
N ASP A 66 37.19 -4.94 8.85
CA ASP A 66 36.16 -4.25 8.09
C ASP A 66 36.70 -3.73 6.77
N SER A 67 37.98 -3.35 6.74
CA SER A 67 38.59 -2.88 5.50
C SER A 67 38.72 -4.01 4.50
N PHE A 68 39.20 -5.18 4.95
CA PHE A 68 39.38 -6.31 4.05
C PHE A 68 38.08 -7.06 3.81
N LYS A 69 37.03 -6.78 4.59
CA LYS A 69 35.70 -7.31 4.28
C LYS A 69 35.15 -6.67 3.02
N THR A 70 35.50 -5.40 2.77
CA THR A 70 35.04 -4.71 1.57
C THR A 70 35.46 -5.48 0.32
N PHE A 71 36.53 -6.26 0.42
CA PHE A 71 37.03 -7.06 -0.69
C PHE A 71 36.17 -8.31 -0.88
N LYS A 72 34.85 -8.13 -1.00
CA LYS A 72 33.90 -9.23 -1.20
C LYS A 72 33.78 -10.18 -0.01
N LYS A 73 32.93 -11.20 -0.19
CA LYS A 73 32.60 -12.20 0.82
C LYS A 73 32.72 -13.59 0.21
N GLY A 74 33.74 -14.34 0.63
CA GLY A 74 33.97 -15.66 0.10
C GLY A 74 34.82 -16.52 1.02
N PRO A 75 35.54 -17.48 0.44
CA PRO A 75 36.31 -18.43 1.28
C PRO A 75 37.42 -17.78 2.08
N LEU A 76 38.05 -16.71 1.58
CA LEU A 76 39.15 -16.08 2.31
C LEU A 76 38.64 -15.41 3.58
N ILE A 77 37.58 -14.61 3.47
CA ILE A 77 37.03 -13.96 4.65
C ILE A 77 36.44 -14.98 5.61
N SER A 78 35.88 -16.07 5.07
CA SER A 78 35.36 -17.13 5.93
C SER A 78 36.46 -17.79 6.74
N GLN A 79 37.58 -18.13 6.08
CA GLN A 79 38.66 -18.83 6.76
C GLN A 79 39.28 -17.97 7.86
N ARG A 80 39.36 -16.66 7.63
CA ARG A 80 39.94 -15.79 8.65
C ARG A 80 39.07 -15.76 9.90
N LEU A 81 37.74 -15.80 9.71
CA LEU A 81 36.82 -15.82 10.85
C LEU A 81 36.93 -17.15 11.59
N GLN A 82 37.04 -18.26 10.85
CA GLN A 82 37.14 -19.57 11.50
C GLN A 82 38.36 -19.63 12.41
N MSE A 83 39.46 -19.02 11.99
CA MSE A 83 40.66 -18.95 12.81
C MSE A 83 40.47 -18.00 13.98
O MSE A 83 41.04 -18.20 15.05
CB MSE A 83 41.87 -18.52 11.97
CG MSE A 83 42.26 -19.50 10.87
SE MSE A 83 42.77 -21.25 11.55
CE MSE A 83 41.11 -22.21 11.21
N PHE A 84 39.67 -16.96 13.77
CA PHE A 84 39.39 -16.01 14.85
C PHE A 84 38.60 -16.69 15.96
N TYR A 85 37.55 -17.42 15.59
CA TYR A 85 36.73 -18.13 16.57
C TYR A 85 37.53 -19.21 17.29
N MSE A 86 38.62 -19.69 16.70
CA MSE A 86 39.41 -20.76 17.30
C MSE A 86 40.22 -20.28 18.48
O MSE A 86 40.22 -20.92 19.53
CB MSE A 86 40.33 -21.37 16.25
CG MSE A 86 41.15 -22.50 16.80
SE MSE A 86 42.12 -23.40 15.38
CE MSE A 86 40.55 -23.93 14.33
N ASN A 87 40.94 -19.18 18.30
CA ASN A 87 41.63 -18.53 19.41
C ASN A 87 40.65 -18.09 20.49
N THR A 88 39.43 -17.78 20.08
CA THR A 88 38.46 -17.19 20.98
C THR A 88 38.15 -18.11 22.16
N ARG A 89 37.98 -17.49 23.32
CA ARG A 89 37.44 -18.14 24.50
C ARG A 89 35.94 -17.87 24.50
N ASN A 90 35.15 -18.94 24.41
CA ASN A 90 33.70 -18.86 24.31
C ASN A 90 33.35 -18.10 23.04
N PRO A 91 33.32 -18.78 21.89
CA PRO A 91 33.02 -18.09 20.63
C PRO A 91 31.63 -17.48 20.58
N TYR A 92 30.63 -18.13 21.21
CA TYR A 92 29.26 -17.62 21.14
C TYR A 92 29.17 -16.20 21.67
N GLU A 93 29.73 -15.97 22.85
CA GLU A 93 29.72 -14.65 23.46
C GLU A 93 30.48 -13.65 22.59
N TRP A 94 31.60 -14.07 22.03
CA TRP A 94 32.37 -13.20 21.13
C TRP A 94 31.68 -13.01 19.79
N SER A 95 30.95 -14.02 19.31
CA SER A 95 30.19 -13.88 18.07
C SER A 95 29.20 -12.74 18.16
N LEU A 96 28.57 -12.58 19.34
CA LEU A 96 27.65 -11.46 19.54
C LEU A 96 28.40 -10.14 19.61
N LYS A 97 29.62 -10.15 20.18
CA LYS A 97 30.43 -8.93 20.25
C LYS A 97 30.82 -8.45 18.85
N LEU A 98 31.27 -9.37 18.00
CA LEU A 98 31.62 -8.98 16.63
C LEU A 98 30.41 -8.51 15.85
N PHE A 99 29.24 -9.09 16.12
CA PHE A 99 28.01 -8.65 15.46
C PHE A 99 27.66 -7.22 15.85
N ALA A 100 27.87 -6.87 17.11
CA ALA A 100 27.54 -5.53 17.57
C ALA A 100 28.51 -4.47 17.05
N ASN A 101 29.78 -4.82 16.88
CA ASN A 101 30.80 -3.85 16.47
C ASN A 101 30.96 -3.78 14.96
N CYS A 102 29.87 -3.56 14.24
CA CYS A 102 29.90 -3.37 12.81
C CYS A 102 28.67 -2.58 12.38
N PRO A 103 28.83 -1.45 11.68
CA PRO A 103 27.68 -0.62 11.29
C PRO A 103 26.59 -1.37 10.54
N ASP A 104 26.84 -2.63 10.18
CA ASP A 104 25.88 -3.40 9.39
C ASP A 104 24.76 -3.98 10.24
N HIS A 105 24.91 -4.04 11.56
CA HIS A 105 23.92 -4.74 12.38
C HIS A 105 22.57 -4.04 12.43
N ASN A 106 22.42 -2.88 11.78
CA ASN A 106 21.14 -2.19 11.72
C ASN A 106 20.25 -2.70 10.60
N SER A 107 20.84 -3.25 9.54
CA SER A 107 20.08 -3.84 8.43
C SER A 107 20.92 -4.91 7.79
N PRO A 108 20.93 -6.12 8.35
CA PRO A 108 21.81 -7.18 7.84
C PRO A 108 21.21 -7.88 6.63
N LYS A 109 22.08 -8.19 5.67
CA LYS A 109 21.71 -8.95 4.48
C LYS A 109 22.85 -9.92 4.20
N SER A 110 22.60 -10.87 3.28
CA SER A 110 23.58 -11.90 2.95
C SER A 110 24.97 -11.31 2.69
N ASN A 111 25.03 -10.10 2.15
CA ASN A 111 26.31 -9.46 1.86
C ASN A 111 26.89 -8.69 3.03
N SER A 112 26.08 -8.39 4.05
CA SER A 112 26.55 -7.57 5.17
C SER A 112 27.56 -8.33 6.02
N LEU A 113 28.48 -7.57 6.62
CA LEU A 113 29.48 -8.18 7.50
C LEU A 113 28.83 -8.81 8.72
N ALA A 114 27.79 -8.18 9.27
CA ALA A 114 27.14 -8.71 10.46
C ALA A 114 26.53 -10.08 10.20
N TYR A 115 25.92 -10.26 9.02
CA TYR A 115 25.32 -11.55 8.69
C TYR A 115 26.39 -12.63 8.55
N THR A 116 27.55 -12.28 7.99
CA THR A 116 28.62 -13.27 7.82
C THR A 116 29.27 -13.62 9.15
N VAL A 117 29.32 -12.67 10.09
CA VAL A 117 29.88 -12.95 11.41
C VAL A 117 29.09 -14.06 12.09
N LEU A 118 27.77 -13.97 12.04
CA LEU A 118 26.92 -15.03 12.59
C LEU A 118 26.91 -16.26 11.69
N GLU A 119 27.04 -16.06 10.37
CA GLU A 119 27.04 -17.19 9.45
C GLU A 119 28.25 -18.09 9.68
N GLU A 120 29.41 -17.49 9.90
CA GLU A 120 30.62 -18.28 10.16
C GLU A 120 30.58 -18.90 11.55
N MSE A 121 29.88 -18.30 12.49
CA MSE A 121 29.68 -18.88 13.81
C MSE A 121 28.86 -20.16 13.70
O MSE A 121 29.11 -21.13 14.41
CB MSE A 121 29.00 -17.89 14.75
CG MSE A 121 28.72 -18.45 16.14
SE MSE A 121 30.34 -18.99 17.07
CE MSE A 121 29.75 -20.72 17.72
N ARG A 122 27.88 -20.16 12.78
CA ARG A 122 27.08 -21.35 12.56
C ARG A 122 27.92 -22.47 11.94
N ASN A 123 28.74 -22.13 10.95
CA ASN A 123 29.61 -23.14 10.34
C ASN A 123 30.68 -23.60 11.31
N PHE A 124 31.21 -22.69 12.14
CA PHE A 124 32.19 -23.07 13.16
C PHE A 124 31.60 -24.06 14.14
N LYS A 125 30.32 -23.89 14.49
CA LYS A 125 29.70 -24.79 15.46
C LYS A 125 29.45 -26.17 14.87
N LYS A 126 29.03 -26.23 13.60
CA LYS A 126 28.71 -27.52 13.00
C LYS A 126 29.97 -28.29 12.62
N HIS A 127 30.97 -27.57 12.08
CA HIS A 127 32.18 -28.24 11.60
C HIS A 127 32.91 -28.93 12.75
N TYR A 128 33.16 -28.21 13.83
CA TYR A 128 33.83 -28.77 15.00
C TYR A 128 32.88 -29.49 15.95
N ASN A 129 31.60 -29.63 15.58
CA ASN A 129 30.62 -30.35 16.39
C ASN A 129 30.59 -29.81 17.82
N LEU A 130 30.23 -28.53 17.92
CA LEU A 130 30.23 -27.84 19.20
C LEU A 130 28.86 -27.90 19.87
N GLY A 131 28.87 -27.83 21.19
CA GLY A 131 27.66 -27.80 21.98
C GLY A 131 27.54 -26.49 22.76
N THR A 132 26.37 -26.32 23.39
CA THR A 132 26.07 -25.14 24.17
C THR A 132 26.38 -25.30 25.66
N ASP A 133 26.89 -26.46 26.08
CA ASP A 133 27.07 -26.72 27.51
C ASP A 133 28.19 -25.88 28.09
N GLN A 134 27.92 -25.28 29.25
CA GLN A 134 28.85 -24.47 30.03
C GLN A 134 29.39 -23.26 29.26
N LEU A 135 28.81 -22.92 28.12
CA LEU A 135 29.27 -21.79 27.33
C LEU A 135 28.19 -20.73 27.17
N VAL A 136 26.97 -21.11 26.82
CA VAL A 136 25.85 -20.19 26.69
C VAL A 136 24.90 -20.44 27.85
N ASP A 137 24.34 -19.36 28.38
CA ASP A 137 23.34 -19.40 29.45
C ASP A 137 22.05 -18.79 28.93
N ASP A 138 20.96 -19.03 29.67
CA ASP A 138 19.69 -18.38 29.33
C ASP A 138 19.83 -16.87 29.27
N ASN A 139 20.73 -16.31 30.09
CA ASN A 139 21.03 -14.89 30.00
C ASN A 139 21.69 -14.54 28.66
N LEU A 140 22.60 -15.39 28.19
CA LEU A 140 23.26 -15.13 26.92
C LEU A 140 22.30 -15.34 25.74
N ARG A 141 21.38 -16.31 25.85
CA ARG A 141 20.39 -16.49 24.79
C ARG A 141 19.46 -15.29 24.68
N MSE A 142 19.08 -14.70 25.81
CA MSE A 142 18.25 -13.50 25.80
C MSE A 142 18.98 -12.34 25.13
O MSE A 142 18.37 -11.54 24.43
CB MSE A 142 17.84 -13.12 27.22
CG MSE A 142 16.53 -13.73 27.67
SE MSE A 142 15.08 -13.27 26.45
CE MSE A 142 15.21 -11.33 26.56
N VAL A 143 20.29 -12.25 25.35
CA VAL A 143 21.10 -11.24 24.70
C VAL A 143 21.04 -11.43 23.18
N ALA A 144 21.20 -12.68 22.72
CA ALA A 144 21.16 -12.95 21.29
C ALA A 144 19.77 -12.68 20.71
N PHE A 145 18.72 -12.98 21.49
CA PHE A 145 17.37 -12.74 21.01
C PHE A 145 17.11 -11.25 20.78
N ASN A 146 17.57 -10.40 21.70
CA ASN A 146 17.37 -8.97 21.57
C ASN A 146 18.15 -8.38 20.40
N PHE A 147 19.22 -9.03 19.97
CA PHE A 147 20.05 -8.50 18.88
C PHE A 147 19.42 -8.70 17.51
N VAL A 148 18.67 -9.78 17.30
CA VAL A 148 18.19 -10.15 15.97
C VAL A 148 16.68 -10.09 15.82
N ALA A 149 15.93 -9.89 16.92
CA ALA A 149 14.48 -9.84 16.81
C ALA A 149 13.98 -8.49 16.29
N LYS A 150 14.70 -7.40 16.56
CA LYS A 150 14.25 -6.08 16.14
C LYS A 150 14.43 -5.86 14.65
N GLN A 151 15.44 -6.48 14.04
CA GLN A 151 15.79 -6.17 12.66
C GLN A 151 14.70 -6.57 11.67
N GLY A 152 13.80 -7.48 12.04
CA GLY A 152 12.82 -7.96 11.11
C GLY A 152 13.37 -8.87 10.03
N HIS A 153 14.66 -9.21 10.09
CA HIS A 153 15.27 -10.13 9.15
C HIS A 153 15.09 -11.55 9.68
N CYS A 154 14.35 -12.37 8.93
CA CYS A 154 14.01 -13.70 9.41
C CYS A 154 15.19 -14.66 9.31
N LEU A 155 15.94 -14.58 8.21
CA LEU A 155 17.04 -15.53 7.99
C LEU A 155 18.10 -15.40 9.08
N LEU A 156 18.41 -14.17 9.50
CA LEU A 156 19.38 -13.99 10.57
C LEU A 156 18.84 -14.54 11.89
N PHE A 157 17.53 -14.40 12.11
CA PHE A 157 16.93 -14.96 13.32
C PHE A 157 16.94 -16.49 13.27
N ARG A 158 16.60 -17.06 12.11
CA ARG A 158 16.64 -18.52 11.96
C ARG A 158 18.03 -19.06 12.22
N MSE A 159 19.06 -18.29 11.88
CA MSE A 159 20.45 -18.69 12.10
C MSE A 159 20.78 -18.71 13.58
O MSE A 159 21.36 -19.67 14.08
CB MSE A 159 21.37 -17.74 11.34
CG MSE A 159 22.73 -18.32 11.00
SE MSE A 159 23.43 -17.45 9.41
CE MSE A 159 22.07 -18.05 8.14
N VAL A 160 20.40 -17.64 14.28
CA VAL A 160 20.66 -17.56 15.72
C VAL A 160 19.85 -18.60 16.47
N VAL A 161 18.65 -18.93 15.99
CA VAL A 161 17.88 -20.01 16.59
C VAL A 161 18.66 -21.32 16.50
N ASP A 162 19.35 -21.53 15.38
CA ASP A 162 20.13 -22.76 15.19
C ASP A 162 21.43 -22.73 15.99
N ILE A 163 22.10 -21.58 16.02
CA ILE A 163 23.39 -21.48 16.69
C ILE A 163 23.24 -21.66 18.21
N PHE A 164 22.35 -20.89 18.81
CA PHE A 164 22.17 -20.90 20.27
C PHE A 164 21.14 -21.92 20.73
N GLU A 165 20.55 -22.69 19.81
CA GLU A 165 19.59 -23.75 20.13
C GLU A 165 18.41 -23.19 20.93
N PHE A 166 17.65 -22.32 20.26
CA PHE A 166 16.49 -21.71 20.88
C PHE A 166 15.31 -22.66 21.01
N LEU A 167 15.24 -23.70 20.17
CA LEU A 167 14.10 -24.61 20.21
C LEU A 167 14.12 -25.51 21.44
N GLN A 168 15.27 -25.67 22.09
CA GLN A 168 15.33 -26.44 23.32
C GLN A 168 14.73 -25.71 24.52
N CYS A 169 14.67 -24.38 24.46
CA CYS A 169 14.14 -23.56 25.54
C CYS A 169 13.34 -22.40 24.96
N ARG A 170 12.41 -22.73 24.05
CA ARG A 170 11.61 -21.72 23.38
C ARG A 170 10.68 -20.98 24.33
N ASP A 171 10.25 -21.64 25.41
CA ASP A 171 9.33 -21.03 26.37
C ASP A 171 9.92 -19.82 27.10
N LEU A 172 11.23 -19.61 27.02
CA LEU A 172 11.84 -18.45 27.65
C LEU A 172 11.56 -17.15 26.91
N PHE A 173 11.21 -17.23 25.62
CA PHE A 173 10.99 -16.06 24.79
C PHE A 173 9.51 -15.68 24.67
N ILE A 174 8.61 -16.50 25.19
CA ILE A 174 7.17 -16.18 25.11
C ILE A 174 6.84 -14.84 25.74
N PRO A 175 7.39 -14.47 26.91
CA PRO A 175 7.13 -13.10 27.40
C PRO A 175 7.60 -12.01 26.44
N LYS A 176 8.66 -12.26 25.67
CA LYS A 176 9.13 -11.25 24.73
C LYS A 176 8.24 -11.17 23.50
N VAL A 177 7.66 -12.30 23.07
CA VAL A 177 6.79 -12.27 21.91
C VAL A 177 5.44 -11.64 22.25
N ARG A 178 4.89 -11.98 23.42
CA ARG A 178 3.65 -11.33 23.87
C ARG A 178 3.84 -9.86 24.17
N GLU A 179 5.06 -9.42 24.49
CA GLU A 179 5.31 -7.99 24.60
C GLU A 179 5.25 -7.32 23.23
N MSE A 180 5.72 -8.01 22.19
CA MSE A 180 5.63 -7.51 20.83
C MSE A 180 4.19 -7.48 20.33
O MSE A 180 3.80 -6.58 19.59
CB MSE A 180 6.49 -8.36 19.88
CG MSE A 180 7.98 -8.11 19.99
SE MSE A 180 9.02 -9.37 18.94
CE MSE A 180 10.51 -8.19 18.46
N ILE A 181 3.42 -8.51 20.72
CA ILE A 181 2.00 -8.51 20.37
C ILE A 181 1.29 -7.36 21.07
N ALA A 182 1.64 -7.09 22.32
CA ALA A 182 1.07 -5.95 23.04
C ALA A 182 1.52 -4.62 22.44
N ARG A 183 2.66 -4.61 21.76
CA ARG A 183 3.14 -3.44 21.03
C ARG A 183 2.64 -3.40 19.59
N LYS A 184 1.72 -4.31 19.24
CA LYS A 184 1.10 -4.35 17.92
C LYS A 184 2.10 -4.61 16.81
N GLN A 185 3.14 -5.39 17.11
CA GLN A 185 4.13 -5.80 16.11
C GLN A 185 3.81 -7.20 15.62
N TYR A 186 2.70 -7.30 14.88
CA TYR A 186 2.16 -8.61 14.54
C TYR A 186 3.08 -9.39 13.60
N LYS A 187 3.61 -8.74 12.56
CA LYS A 187 4.43 -9.49 11.60
C LYS A 187 5.72 -9.98 12.24
N GLU A 188 6.30 -9.17 13.14
CA GLU A 188 7.52 -9.60 13.80
C GLU A 188 7.23 -10.74 14.78
N ALA A 189 6.30 -10.50 15.71
CA ALA A 189 5.95 -11.54 16.68
C ALA A 189 5.44 -12.80 15.98
N GLY A 190 4.71 -12.61 14.88
CA GLY A 190 4.23 -13.77 14.13
C GLY A 190 5.37 -14.56 13.52
N GLN A 191 6.37 -13.87 12.95
CA GLN A 191 7.50 -14.58 12.36
C GLN A 191 8.38 -15.21 13.41
N ILE A 192 8.54 -14.55 14.56
CA ILE A 192 9.31 -15.14 15.65
C ILE A 192 8.63 -16.41 16.15
N ALA A 193 7.30 -16.39 16.24
CA ALA A 193 6.56 -17.57 16.68
C ALA A 193 6.64 -18.71 15.66
N ILE A 194 6.89 -18.40 14.39
CA ILE A 194 7.03 -19.46 13.39
C ILE A 194 8.45 -20.03 13.43
N ASP A 195 9.46 -19.16 13.56
CA ASP A 195 10.84 -19.62 13.59
C ASP A 195 11.20 -20.30 14.90
N LEU A 196 10.51 -19.98 16.00
CA LEU A 196 10.68 -20.70 17.25
C LEU A 196 9.73 -21.88 17.37
N GLU A 197 8.88 -22.11 16.36
CA GLU A 197 7.99 -23.26 16.32
C GLU A 197 7.06 -23.28 17.52
N LEU A 198 6.55 -22.11 17.87
CA LEU A 198 5.56 -21.95 18.94
C LEU A 198 4.15 -22.11 18.39
N PHE A 199 3.90 -23.23 17.71
CA PHE A 199 2.64 -23.48 17.03
C PHE A 199 1.51 -23.91 17.97
N GLU A 200 1.75 -23.88 19.28
CA GLU A 200 0.75 -24.28 20.26
C GLU A 200 0.52 -23.22 21.34
N GLU A 201 1.20 -22.08 21.27
CA GLU A 201 1.18 -21.10 22.34
C GLU A 201 0.20 -19.95 22.11
N PHE A 202 -0.22 -19.70 20.88
CA PHE A 202 -0.99 -18.50 20.58
C PHE A 202 -2.34 -18.86 19.98
N ASP A 203 -3.30 -17.96 20.18
CA ASP A 203 -4.64 -18.07 19.60
C ASP A 203 -4.73 -17.21 18.35
N GLU A 204 -5.88 -17.31 17.68
CA GLU A 204 -6.07 -16.57 16.44
C GLU A 204 -6.09 -15.06 16.67
N HIS A 205 -6.47 -14.61 17.87
CA HIS A 205 -6.55 -13.18 18.14
C HIS A 205 -5.19 -12.52 18.38
N ASP A 206 -4.14 -13.30 18.69
CA ASP A 206 -2.86 -12.69 19.04
C ASP A 206 -2.22 -11.98 17.85
N PHE A 207 -2.10 -12.69 16.72
CA PHE A 207 -1.48 -12.05 15.56
C PHE A 207 -2.02 -12.63 14.25
N VAL A 208 -2.73 -13.75 14.31
CA VAL A 208 -3.26 -14.36 13.09
C VAL A 208 -4.31 -13.45 12.46
N MSE A 209 -5.28 -12.99 13.25
CA MSE A 209 -6.34 -12.13 12.76
C MSE A 209 -5.88 -10.70 12.42
O MSE A 209 -6.28 -10.17 11.38
CB MSE A 209 -7.50 -12.07 13.77
CG MSE A 209 -8.33 -13.34 13.80
SE MSE A 209 -9.23 -13.68 12.10
CE MSE A 209 -10.35 -12.08 12.02
N PRO A 210 -5.07 -10.06 13.27
CA PRO A 210 -4.55 -8.73 12.89
C PRO A 210 -3.77 -8.73 11.59
N LEU A 211 -2.96 -9.77 11.37
CA LEU A 211 -2.22 -9.86 10.11
C LEU A 211 -3.16 -10.00 8.92
N PHE A 212 -4.30 -10.66 9.11
CA PHE A 212 -5.31 -10.71 8.05
C PHE A 212 -5.91 -9.32 7.83
N MSE A 213 -6.08 -8.54 8.89
CA MSE A 213 -6.58 -7.17 8.80
C MSE A 213 -5.61 -6.27 8.07
O MSE A 213 -6.01 -5.31 7.41
CB MSE A 213 -6.84 -6.60 10.20
CG MSE A 213 -7.83 -7.38 11.06
SE MSE A 213 -9.64 -7.39 10.32
CE MSE A 213 -10.58 -8.06 11.87
N GLN A 214 -4.32 -6.58 8.19
CA GLN A 214 -3.26 -5.78 7.60
C GLN A 214 -2.84 -6.29 6.22
N ASP A 215 -3.63 -7.17 5.62
CA ASP A 215 -3.39 -7.72 4.28
C ASP A 215 -2.12 -8.56 4.21
N LYS A 216 -1.43 -8.72 5.34
CA LYS A 216 -0.22 -9.54 5.41
C LYS A 216 -0.62 -11.01 5.58
N ILE A 217 -1.16 -11.57 4.51
CA ILE A 217 -1.71 -12.92 4.55
C ILE A 217 -0.61 -13.97 4.70
N SER A 218 0.61 -13.65 4.24
CA SER A 218 1.66 -14.66 4.15
C SER A 218 2.05 -15.19 5.54
N ILE A 219 2.37 -14.29 6.47
CA ILE A 219 2.86 -14.73 7.78
C ILE A 219 1.77 -15.41 8.58
N ALA A 220 0.54 -14.87 8.53
CA ALA A 220 -0.55 -15.45 9.31
C ALA A 220 -0.92 -16.83 8.78
N GLU A 221 -0.90 -17.02 7.46
CA GLU A 221 -1.23 -18.33 6.91
C GLU A 221 -0.12 -19.34 7.18
N ASP A 222 1.13 -18.89 7.23
CA ASP A 222 2.22 -19.81 7.57
C ASP A 222 2.05 -20.35 8.98
N TYR A 223 1.74 -19.47 9.94
CA TYR A 223 1.47 -19.92 11.30
C TYR A 223 0.20 -20.77 11.37
N LEU A 224 -0.78 -20.49 10.51
CA LEU A 224 -2.02 -21.25 10.54
C LEU A 224 -1.84 -22.64 9.94
N ASN A 225 -0.94 -22.79 8.97
CA ASN A 225 -0.72 -24.10 8.35
C ASN A 225 -0.24 -25.13 9.36
N LYS A 226 0.65 -24.72 10.27
CA LYS A 226 1.21 -25.64 11.27
C LYS A 226 0.39 -25.72 12.54
N ALA A 227 -0.68 -24.92 12.67
CA ALA A 227 -1.53 -24.92 13.85
C ALA A 227 -2.95 -25.33 13.46
N GLU A 228 -3.21 -26.64 13.41
CA GLU A 228 -4.54 -27.12 13.01
C GLU A 228 -5.62 -26.70 14.00
N ARG A 229 -5.27 -26.58 15.30
CA ARG A 229 -6.29 -26.25 16.31
C ARG A 229 -6.99 -24.94 16.00
N LEU A 230 -6.31 -24.01 15.33
CA LEU A 230 -6.88 -22.70 15.05
C LEU A 230 -7.61 -22.63 13.72
N GLN A 231 -7.34 -23.58 12.80
CA GLN A 231 -7.96 -23.52 11.47
C GLN A 231 -9.48 -23.50 11.54
N GLY A 232 -10.06 -24.17 12.52
CA GLY A 232 -11.50 -24.21 12.68
C GLY A 232 -12.07 -22.87 13.06
N PRO A 233 -11.73 -22.39 14.27
CA PRO A 233 -12.31 -21.12 14.75
C PRO A 233 -11.95 -19.91 13.88
N VAL A 234 -10.87 -19.96 13.11
CA VAL A 234 -10.52 -18.81 12.29
C VAL A 234 -11.52 -18.65 11.15
N VAL A 235 -11.71 -19.72 10.37
CA VAL A 235 -12.66 -19.64 9.26
C VAL A 235 -14.09 -19.53 9.80
N GLN A 236 -14.33 -20.14 10.98
CA GLN A 236 -15.61 -19.97 11.65
C GLN A 236 -15.86 -18.50 11.98
N LEU A 237 -14.81 -17.77 12.38
CA LEU A 237 -14.95 -16.36 12.74
C LEU A 237 -15.11 -15.50 11.49
N LEU A 238 -14.38 -15.81 10.42
CA LEU A 238 -14.49 -15.05 9.19
C LEU A 238 -15.86 -15.25 8.55
N ASP A 239 -16.40 -16.46 8.64
CA ASP A 239 -17.74 -16.72 8.14
C ASP A 239 -18.81 -16.02 8.95
N SER A 240 -18.55 -15.77 10.24
CA SER A 240 -19.51 -15.05 11.07
C SER A 240 -19.67 -13.60 10.62
N PHE A 241 -18.74 -13.07 9.83
CA PHE A 241 -18.90 -11.71 9.32
C PHE A 241 -19.91 -11.69 8.18
N PHE A 242 -19.86 -12.69 7.29
CA PHE A 242 -20.75 -12.76 6.15
C PHE A 242 -22.13 -13.31 6.54
N ASP A 243 -22.15 -14.53 7.08
CA ASP A 243 -23.39 -15.21 7.45
C ASP A 243 -23.97 -14.68 8.77
N LYS A 244 -24.17 -13.37 8.79
CA LYS A 244 -24.81 -12.69 9.90
C LYS A 244 -25.62 -11.50 9.40
N ARG A 245 -25.62 -11.26 8.09
CA ARG A 245 -26.36 -10.18 7.43
C ARG A 245 -26.38 -8.90 8.24
N GLN A 246 -25.18 -8.48 8.63
CA GLN A 246 -24.84 -7.17 9.15
C GLN A 246 -23.68 -6.79 8.25
N SER A 247 -23.44 -5.50 8.02
CA SER A 247 -22.37 -5.15 7.10
C SER A 247 -21.05 -5.72 7.59
N VAL A 248 -20.29 -6.31 6.66
CA VAL A 248 -19.02 -6.93 7.03
C VAL A 248 -18.08 -5.86 7.57
N GLU A 249 -18.24 -4.63 7.09
CA GLU A 249 -17.44 -3.52 7.63
C GLU A 249 -17.78 -3.27 9.10
N SER A 250 -19.04 -3.47 9.48
CA SER A 250 -19.41 -3.34 10.89
C SER A 250 -18.84 -4.49 11.71
N HIS A 251 -18.88 -5.70 11.16
CA HIS A 251 -18.29 -6.85 11.84
C HIS A 251 -16.79 -6.67 11.99
N CYS A 252 -16.13 -6.15 10.95
CA CYS A 252 -14.69 -5.92 11.01
C CYS A 252 -14.36 -4.84 12.03
N SER A 253 -15.08 -3.72 11.97
CA SER A 253 -14.81 -2.62 12.90
C SER A 253 -15.03 -3.02 14.34
N ARG A 254 -15.95 -3.96 14.58
CA ARG A 254 -16.19 -4.41 15.95
C ARG A 254 -15.05 -5.26 16.46
N TYR A 255 -14.48 -6.12 15.59
CA TYR A 255 -13.32 -6.90 15.99
C TYR A 255 -12.10 -6.02 16.18
N ILE A 256 -11.92 -5.03 15.31
CA ILE A 256 -10.77 -4.14 15.40
C ILE A 256 -10.82 -3.31 16.68
N THR A 257 -12.02 -2.92 17.10
CA THR A 257 -12.15 -2.11 18.31
C THR A 257 -12.17 -2.96 19.57
N GLU A 258 -12.47 -4.25 19.46
CA GLU A 258 -12.43 -5.13 20.62
C GLU A 258 -11.01 -5.53 20.97
N HIS A 259 -10.22 -5.90 19.96
CA HIS A 259 -8.86 -6.36 20.16
C HIS A 259 -7.82 -5.27 19.90
N GLU A 260 -8.26 -4.03 19.65
CA GLU A 260 -7.37 -2.88 19.53
C GLU A 260 -6.34 -3.09 18.41
N VAL A 261 -6.82 -3.56 17.26
CA VAL A 261 -5.96 -3.76 16.10
C VAL A 261 -5.63 -2.41 15.49
N THR A 262 -4.35 -2.20 15.19
CA THR A 262 -3.87 -0.94 14.63
C THR A 262 -3.27 -1.15 13.25
N ASP A 263 -3.13 -0.04 12.52
CA ASP A 263 -2.56 -0.02 11.17
C ASP A 263 -3.23 -1.03 10.25
N VAL A 264 -4.55 -1.05 10.29
CA VAL A 264 -5.33 -2.01 9.53
C VAL A 264 -5.48 -1.50 8.09
N TYR A 265 -5.45 -2.43 7.13
CA TYR A 265 -5.53 -2.13 5.70
C TYR A 265 -7.01 -2.20 5.31
N TYR A 266 -7.70 -1.07 5.43
CA TYR A 266 -9.16 -1.07 5.32
C TYR A 266 -9.65 -1.34 3.90
N SER A 267 -8.86 -1.02 2.88
CA SER A 267 -9.32 -1.20 1.51
C SER A 267 -9.60 -2.66 1.18
N LYS A 268 -9.05 -3.60 1.94
CA LYS A 268 -9.27 -5.01 1.72
C LYS A 268 -10.52 -5.53 2.43
N LEU A 269 -10.87 -4.93 3.58
CA LEU A 269 -11.98 -5.43 4.40
C LEU A 269 -13.31 -5.06 3.74
N HIS A 270 -13.65 -5.81 2.70
CA HIS A 270 -14.92 -5.66 2.00
C HIS A 270 -15.42 -7.05 1.62
N GLN A 271 -16.63 -7.13 1.06
CA GLN A 271 -17.26 -8.43 0.84
C GLN A 271 -16.46 -9.28 -0.14
N LYS A 272 -16.02 -8.69 -1.26
CA LYS A 272 -15.29 -9.47 -2.26
C LYS A 272 -13.94 -9.96 -1.73
N PRO A 273 -13.02 -9.09 -1.29
CA PRO A 273 -11.70 -9.61 -0.92
C PRO A 273 -11.72 -10.46 0.33
N LEU A 274 -12.63 -10.18 1.27
CA LEU A 274 -12.71 -11.00 2.48
C LEU A 274 -13.35 -12.35 2.18
N SER A 275 -14.23 -12.41 1.18
CA SER A 275 -14.81 -13.70 0.78
C SER A 275 -13.76 -14.58 0.11
N LYS A 276 -12.93 -14.00 -0.77
CA LYS A 276 -11.87 -14.76 -1.41
C LYS A 276 -10.93 -15.39 -0.40
N LEU A 277 -10.74 -14.72 0.75
CA LEU A 277 -9.86 -15.27 1.78
C LEU A 277 -10.50 -16.47 2.44
N VAL A 278 -11.82 -16.43 2.68
CA VAL A 278 -12.52 -17.57 3.26
C VAL A 278 -12.61 -18.72 2.27
N GLN A 279 -12.69 -18.42 0.97
CA GLN A 279 -12.75 -19.48 -0.03
C GLN A 279 -11.44 -20.26 -0.09
N ARG A 280 -10.31 -19.57 0.08
CA ARG A 280 -9.03 -20.28 0.08
C ARG A 280 -8.82 -21.06 1.38
N LEU A 281 -9.14 -20.46 2.52
CA LEU A 281 -8.81 -21.08 3.79
C LEU A 281 -9.73 -22.25 4.13
N ALA A 282 -10.91 -22.31 3.51
CA ALA A 282 -11.75 -23.50 3.68
C ALA A 282 -11.27 -24.64 2.80
N LYS A 283 -10.78 -24.30 1.59
CA LYS A 283 -10.29 -25.32 0.66
C LYS A 283 -8.89 -25.79 1.02
N ASN A 284 -8.00 -24.85 1.37
CA ASN A 284 -6.63 -25.19 1.72
C ASN A 284 -6.52 -26.04 2.99
N TYR A 285 -7.58 -26.09 3.81
CA TYR A 285 -7.54 -26.82 5.06
C TYR A 285 -8.69 -27.82 5.19
N ASN A 286 -9.43 -28.04 4.10
CA ASN A 286 -10.55 -28.99 4.10
C ASN A 286 -11.40 -28.81 5.35
N ILE A 287 -12.16 -27.72 5.40
CA ILE A 287 -12.97 -27.39 6.56
C ILE A 287 -14.43 -27.73 6.25
N PRO A 288 -15.15 -28.36 7.19
CA PRO A 288 -16.53 -28.75 6.91
C PRO A 288 -17.40 -27.58 6.52
N ARG A 289 -18.49 -27.89 5.82
CA ARG A 289 -19.42 -26.88 5.34
C ARG A 289 -20.16 -26.23 6.51
N GLN A 290 -19.45 -25.39 7.27
CA GLN A 290 -20.06 -24.57 8.31
C GLN A 290 -20.25 -23.14 7.83
N PHE A 291 -20.76 -23.01 6.61
CA PHE A 291 -21.08 -21.71 6.05
C PHE A 291 -22.39 -21.21 6.64
N ASP B 48 15.65 28.92 -27.97
CA ASP B 48 16.90 29.39 -27.39
C ASP B 48 17.77 28.20 -27.00
N PHE B 49 18.80 28.45 -26.18
CA PHE B 49 19.64 27.34 -25.71
C PHE B 49 18.85 26.39 -24.84
N ASP B 50 18.05 26.92 -23.90
CA ASP B 50 17.21 26.09 -23.05
C ASP B 50 15.85 26.77 -22.91
N ILE B 51 14.79 25.99 -23.12
CA ILE B 51 13.43 26.51 -23.15
C ILE B 51 12.70 26.37 -21.83
N GLU B 52 13.32 25.74 -20.83
CA GLU B 52 12.66 25.52 -19.54
C GLU B 52 12.67 26.81 -18.73
N LEU B 53 11.50 27.44 -18.63
CA LEU B 53 11.30 28.65 -17.86
C LEU B 53 10.04 28.50 -17.03
N ASP B 54 9.93 29.28 -15.97
CA ASP B 54 8.78 29.20 -15.08
C ASP B 54 8.27 30.59 -14.72
N GLU B 55 6.99 30.64 -14.39
CA GLU B 55 6.28 31.81 -13.88
C GLU B 55 5.70 31.46 -12.52
N ASN B 56 5.02 32.41 -11.90
CA ASN B 56 4.50 32.17 -10.55
C ASN B 56 3.19 31.38 -10.59
N ILE B 57 2.35 31.60 -11.60
CA ILE B 57 1.13 30.80 -11.71
C ILE B 57 1.46 29.35 -12.06
N ALA B 58 2.51 29.13 -12.87
CA ALA B 58 2.81 27.78 -13.32
C ALA B 58 3.67 27.00 -12.34
N ASN B 59 4.60 27.66 -11.64
CA ASN B 59 5.48 26.93 -10.72
C ASN B 59 4.70 26.42 -9.51
N TRP B 60 3.79 27.24 -8.98
CA TRP B 60 3.01 26.82 -7.82
C TRP B 60 2.06 25.67 -8.18
N PHE B 61 1.52 25.67 -9.40
CA PHE B 61 0.73 24.52 -9.83
C PHE B 61 1.58 23.26 -9.84
N GLU B 62 2.80 23.34 -10.38
CA GLU B 62 3.68 22.18 -10.38
C GLU B 62 4.16 21.86 -8.97
N GLY B 63 4.50 22.89 -8.19
CA GLY B 63 4.91 22.65 -6.81
C GLY B 63 3.82 21.97 -6.01
N PHE B 64 2.57 22.40 -6.18
CA PHE B 64 1.46 21.70 -5.56
C PHE B 64 1.22 20.35 -6.22
N ARG B 65 1.43 20.26 -7.54
CA ARG B 65 1.26 18.99 -8.23
C ARG B 65 2.23 17.95 -7.69
N ASP B 66 3.45 18.36 -7.38
CA ASP B 66 4.43 17.45 -6.81
C ASP B 66 3.98 16.93 -5.46
N SER B 67 3.23 17.73 -4.70
CA SER B 67 2.75 17.28 -3.40
C SER B 67 1.68 16.20 -3.54
N PHE B 68 0.69 16.41 -4.41
CA PHE B 68 -0.41 15.47 -4.57
C PHE B 68 -0.08 14.30 -5.50
N LYS B 69 1.05 14.33 -6.21
CA LYS B 69 1.47 13.17 -6.96
C LYS B 69 1.89 12.02 -6.02
N THR B 70 2.50 12.36 -4.89
CA THR B 70 2.90 11.35 -3.91
C THR B 70 1.73 10.57 -3.34
N PHE B 71 0.52 11.12 -3.37
CA PHE B 71 -0.61 10.47 -2.73
C PHE B 71 -1.09 9.26 -3.53
N LYS B 72 -1.33 9.44 -4.83
CA LYS B 72 -1.81 8.34 -5.66
C LYS B 72 -1.19 8.43 -7.04
N LYS B 73 -1.32 7.34 -7.81
CA LYS B 73 -1.00 7.35 -9.24
C LYS B 73 -2.02 6.41 -9.88
N GLY B 74 -3.05 6.98 -10.49
CA GLY B 74 -4.12 6.21 -11.06
C GLY B 74 -4.93 7.00 -12.07
N PRO B 75 -6.22 6.69 -12.20
CA PRO B 75 -7.05 7.39 -13.19
C PRO B 75 -7.15 8.88 -12.92
N LEU B 76 -7.12 9.29 -11.66
CA LEU B 76 -7.24 10.71 -11.32
C LEU B 76 -6.00 11.48 -11.76
N ILE B 77 -4.82 10.95 -11.45
CA ILE B 77 -3.58 11.65 -11.79
C ILE B 77 -3.39 11.73 -13.31
N SER B 78 -3.85 10.71 -14.04
CA SER B 78 -3.80 10.77 -15.50
C SER B 78 -4.74 11.85 -16.03
N GLN B 79 -5.96 11.91 -15.49
CA GLN B 79 -6.96 12.86 -15.95
C GLN B 79 -6.52 14.30 -15.71
N ARG B 80 -5.83 14.57 -14.60
CA ARG B 80 -5.40 15.92 -14.31
C ARG B 80 -4.36 16.41 -15.32
N LEU B 81 -3.47 15.54 -15.76
CA LEU B 81 -2.45 15.93 -16.74
C LEU B 81 -3.07 16.22 -18.10
N GLN B 82 -4.06 15.41 -18.51
CA GLN B 82 -4.70 15.62 -19.81
C GLN B 82 -5.32 17.01 -19.92
N MSE B 83 -5.96 17.48 -18.86
CA MSE B 83 -6.57 18.81 -18.85
C MSE B 83 -5.54 19.91 -19.05
O MSE B 83 -5.78 20.89 -19.76
CB MSE B 83 -7.34 19.03 -17.55
CG MSE B 83 -8.54 18.10 -17.34
SE MSE B 83 -9.93 18.29 -18.69
CE MSE B 83 -9.51 16.75 -19.80
N PHE B 84 -4.38 19.74 -18.40
CA PHE B 84 -3.28 20.68 -18.60
C PHE B 84 -2.78 20.64 -20.04
N TYR B 85 -2.56 19.44 -20.58
CA TYR B 85 -2.08 19.29 -21.95
C TYR B 85 -3.08 19.81 -22.97
N MSE B 86 -4.35 19.97 -22.60
CA MSE B 86 -5.33 20.54 -23.51
C MSE B 86 -5.29 22.06 -23.42
O MSE B 86 -5.32 22.75 -24.44
CB MSE B 86 -6.73 20.01 -23.18
CG MSE B 86 -7.80 20.43 -24.19
SE MSE B 86 -9.61 20.14 -23.52
CE MSE B 86 -9.61 21.47 -22.09
N ASN B 87 -5.23 22.56 -22.18
CA ASN B 87 -5.14 23.99 -21.94
C ASN B 87 -3.86 24.59 -22.53
N THR B 88 -2.80 23.81 -22.59
CA THR B 88 -1.48 24.28 -23.00
C THR B 88 -1.50 24.75 -24.46
N ARG B 89 -0.46 25.51 -24.81
CA ARG B 89 -0.26 25.91 -26.20
C ARG B 89 0.46 24.82 -27.00
N ASN B 90 1.67 24.45 -26.56
CA ASN B 90 2.52 23.48 -27.25
C ASN B 90 2.73 22.30 -26.31
N PRO B 91 1.90 21.26 -26.39
CA PRO B 91 2.03 20.15 -25.42
C PRO B 91 3.40 19.49 -25.39
N TYR B 92 4.04 19.31 -26.56
CA TYR B 92 5.35 18.68 -26.60
C TYR B 92 6.39 19.50 -25.84
N GLU B 93 6.46 20.80 -26.15
CA GLU B 93 7.43 21.67 -25.47
C GLU B 93 7.16 21.74 -23.98
N TRP B 94 5.89 21.84 -23.59
CA TRP B 94 5.57 21.93 -22.16
C TRP B 94 5.79 20.60 -21.45
N SER B 95 5.56 19.47 -22.13
CA SER B 95 5.86 18.18 -21.53
C SER B 95 7.34 18.06 -21.19
N LEU B 96 8.20 18.60 -22.06
CA LEU B 96 9.63 18.61 -21.76
C LEU B 96 9.95 19.56 -20.61
N LYS B 97 9.22 20.68 -20.52
CA LYS B 97 9.41 21.59 -19.39
C LYS B 97 9.02 20.90 -18.08
N LEU B 98 7.87 20.21 -18.08
CA LEU B 98 7.44 19.50 -16.89
C LEU B 98 8.38 18.36 -16.55
N PHE B 99 8.95 17.71 -17.56
CA PHE B 99 9.94 16.66 -17.30
C PHE B 99 11.17 17.22 -16.62
N ALA B 100 11.61 18.40 -17.05
CA ALA B 100 12.80 19.02 -16.46
C ALA B 100 12.52 19.55 -15.05
N ASN B 101 11.31 20.04 -14.80
CA ASN B 101 10.98 20.65 -13.51
C ASN B 101 10.40 19.65 -12.52
N CYS B 102 11.14 18.56 -12.29
CA CYS B 102 10.75 17.58 -11.29
C CYS B 102 12.00 16.82 -10.83
N PRO B 103 12.29 16.79 -9.52
CA PRO B 103 13.51 16.13 -9.04
C PRO B 103 13.64 14.67 -9.47
N ASP B 104 12.61 14.10 -10.09
CA ASP B 104 12.63 12.70 -10.47
C ASP B 104 13.37 12.45 -11.78
N HIS B 105 13.64 13.49 -12.57
CA HIS B 105 14.21 13.29 -13.89
C HIS B 105 15.66 12.80 -13.86
N ASN B 106 16.25 12.62 -12.68
CA ASN B 106 17.61 12.10 -12.58
C ASN B 106 17.65 10.57 -12.65
N SER B 107 16.56 9.91 -12.26
CA SER B 107 16.46 8.45 -12.35
C SER B 107 14.99 8.08 -12.50
N PRO B 108 14.47 8.16 -13.73
CA PRO B 108 13.03 7.92 -13.92
C PRO B 108 12.70 6.44 -14.01
N LYS B 109 11.57 6.08 -13.40
CA LYS B 109 11.04 4.72 -13.45
C LYS B 109 9.54 4.81 -13.65
N SER B 110 8.92 3.67 -13.94
CA SER B 110 7.48 3.62 -14.21
C SER B 110 6.67 4.36 -13.15
N ASN B 111 7.13 4.36 -11.89
CA ASN B 111 6.43 5.04 -10.81
C ASN B 111 6.79 6.52 -10.70
N SER B 112 7.88 6.95 -11.32
CA SER B 112 8.35 8.33 -11.17
C SER B 112 7.39 9.30 -11.84
N LEU B 113 7.34 10.52 -11.29
CA LEU B 113 6.49 11.57 -11.86
C LEU B 113 6.95 11.94 -13.27
N ALA B 114 8.25 11.96 -13.51
CA ALA B 114 8.77 12.33 -14.82
C ALA B 114 8.30 11.36 -15.89
N TYR B 115 8.29 10.06 -15.58
CA TYR B 115 7.86 9.06 -16.55
C TYR B 115 6.38 9.22 -16.88
N THR B 116 5.56 9.57 -15.89
CA THR B 116 4.13 9.74 -16.13
C THR B 116 3.86 11.01 -16.93
N VAL B 117 4.68 12.05 -16.75
CA VAL B 117 4.51 13.28 -17.52
C VAL B 117 4.66 12.99 -19.01
N LEU B 118 5.68 12.23 -19.38
CA LEU B 118 5.83 11.82 -20.77
C LEU B 118 4.83 10.75 -21.18
N GLU B 119 4.45 9.87 -20.24
CA GLU B 119 3.47 8.85 -20.56
C GLU B 119 2.12 9.45 -20.91
N GLU B 120 1.71 10.47 -20.15
CA GLU B 120 0.44 11.14 -20.44
C GLU B 120 0.52 12.00 -21.69
N MSE B 121 1.72 12.39 -22.10
CA MSE B 121 1.91 13.12 -23.35
C MSE B 121 1.61 12.20 -24.52
O MSE B 121 1.05 12.62 -25.53
CB MSE B 121 3.33 13.67 -23.45
CG MSE B 121 3.61 14.42 -24.74
SE MSE B 121 2.39 15.93 -24.99
CE MSE B 121 1.91 15.62 -26.85
N ARG B 122 1.99 10.92 -24.38
CA ARG B 122 1.69 9.94 -25.42
C ARG B 122 0.20 9.61 -25.46
N ASN B 123 -0.43 9.46 -24.29
CA ASN B 123 -1.86 9.20 -24.26
C ASN B 123 -2.65 10.40 -24.78
N PHE B 124 -2.19 11.61 -24.45
CA PHE B 124 -2.82 12.81 -25.01
C PHE B 124 -2.67 12.84 -26.52
N LYS B 125 -1.53 12.38 -27.03
CA LYS B 125 -1.27 12.40 -28.47
C LYS B 125 -2.13 11.36 -29.19
N LYS B 126 -2.29 10.17 -28.61
CA LYS B 126 -3.06 9.12 -29.26
C LYS B 126 -4.57 9.35 -29.14
N HIS B 127 -5.03 9.74 -27.96
CA HIS B 127 -6.46 9.87 -27.73
C HIS B 127 -7.08 10.94 -28.63
N TYR B 128 -6.51 12.14 -28.63
CA TYR B 128 -6.99 13.20 -29.50
C TYR B 128 -6.43 13.11 -30.91
N ASN B 129 -5.67 12.06 -31.21
CA ASN B 129 -5.12 11.82 -32.54
C ASN B 129 -4.34 13.03 -33.07
N LEU B 130 -3.29 13.37 -32.32
CA LEU B 130 -2.45 14.51 -32.65
C LEU B 130 -1.24 14.07 -33.46
N GLY B 131 -0.71 15.01 -34.25
CA GLY B 131 0.49 14.78 -35.02
C GLY B 131 1.62 15.68 -34.57
N THR B 132 2.80 15.42 -35.13
CA THR B 132 4.01 16.17 -34.80
C THR B 132 4.25 17.36 -35.73
N ASP B 133 3.38 17.55 -36.73
CA ASP B 133 3.61 18.59 -37.74
C ASP B 133 3.43 19.98 -37.14
N GLN B 134 4.37 20.87 -37.46
CA GLN B 134 4.36 22.28 -37.06
C GLN B 134 4.35 22.50 -35.55
N LEU B 135 4.60 21.45 -34.77
CA LEU B 135 4.63 21.54 -33.31
C LEU B 135 6.01 21.22 -32.75
N VAL B 136 6.64 20.15 -33.23
CA VAL B 136 7.98 19.78 -32.82
C VAL B 136 8.92 20.10 -33.97
N ASP B 137 10.12 20.56 -33.63
CA ASP B 137 11.16 20.85 -34.60
C ASP B 137 12.35 19.93 -34.32
N ASP B 138 13.23 19.81 -35.32
CA ASP B 138 14.45 19.04 -35.11
C ASP B 138 15.26 19.55 -33.94
N ASN B 139 15.19 20.86 -33.67
CA ASN B 139 15.82 21.41 -32.47
C ASN B 139 15.11 20.89 -31.22
N LEU B 140 13.78 20.78 -31.26
CA LEU B 140 13.05 20.28 -30.10
C LEU B 140 13.30 18.79 -29.89
N ARG B 141 13.42 18.03 -30.98
CA ARG B 141 13.77 16.61 -30.84
C ARG B 141 15.15 16.44 -30.26
N MSE B 142 16.04 17.40 -30.48
CA MSE B 142 17.37 17.37 -29.90
C MSE B 142 17.30 17.65 -28.41
O MSE B 142 18.06 17.09 -27.62
CB MSE B 142 18.28 18.39 -30.59
CG MSE B 142 19.74 18.28 -30.20
SE MSE B 142 20.49 16.55 -30.65
CE MSE B 142 22.32 16.90 -30.12
N VAL B 143 16.38 18.54 -28.03
CA VAL B 143 16.16 18.84 -26.61
C VAL B 143 15.66 17.59 -25.89
N ALA B 144 14.67 16.91 -26.48
CA ALA B 144 14.13 15.71 -25.86
C ALA B 144 15.16 14.58 -25.85
N PHE B 145 15.98 14.50 -26.91
CA PHE B 145 17.01 13.46 -26.95
C PHE B 145 18.03 13.64 -25.84
N ASN B 146 18.46 14.88 -25.60
CA ASN B 146 19.41 15.15 -24.53
C ASN B 146 18.81 14.90 -23.15
N PHE B 147 17.48 14.97 -23.03
CA PHE B 147 16.84 14.76 -21.73
C PHE B 147 16.79 13.29 -21.34
N VAL B 148 16.68 12.39 -22.31
CA VAL B 148 16.45 10.98 -22.03
C VAL B 148 17.63 10.09 -22.42
N ALA B 149 18.65 10.63 -23.08
CA ALA B 149 19.80 9.81 -23.43
C ALA B 149 20.71 9.58 -22.23
N LYS B 150 20.75 10.52 -21.29
CA LYS B 150 21.61 10.37 -20.12
C LYS B 150 21.06 9.33 -19.15
N GLN B 151 19.73 9.19 -19.08
CA GLN B 151 19.11 8.37 -18.05
C GLN B 151 19.43 6.88 -18.21
N GLY B 152 19.74 6.41 -19.41
CA GLY B 152 20.00 5.00 -19.63
C GLY B 152 18.78 4.12 -19.51
N HIS B 153 17.60 4.68 -19.29
CA HIS B 153 16.37 3.91 -19.19
C HIS B 153 15.77 3.72 -20.58
N CYS B 154 15.62 2.46 -20.99
CA CYS B 154 15.21 2.18 -22.37
C CYS B 154 13.73 2.48 -22.57
N LEU B 155 12.89 2.10 -21.62
CA LEU B 155 11.45 2.31 -21.77
C LEU B 155 11.13 3.79 -21.88
N LEU B 156 11.81 4.63 -21.09
CA LEU B 156 11.60 6.07 -21.21
C LEU B 156 12.08 6.59 -22.56
N PHE B 157 13.19 6.04 -23.06
CA PHE B 157 13.71 6.46 -24.35
C PHE B 157 12.79 6.02 -25.49
N ARG B 158 12.32 4.76 -25.46
CA ARG B 158 11.41 4.29 -26.50
C ARG B 158 10.12 5.08 -26.54
N MSE B 159 9.68 5.61 -25.40
CA MSE B 159 8.48 6.43 -25.37
C MSE B 159 8.73 7.76 -26.09
O MSE B 159 7.89 8.20 -26.88
CB MSE B 159 8.02 6.70 -23.93
CG MSE B 159 7.05 5.67 -23.39
SE MSE B 159 6.01 6.36 -21.90
CE MSE B 159 4.83 4.83 -21.62
N VAL B 160 9.87 8.39 -25.81
CA VAL B 160 10.22 9.64 -26.47
C VAL B 160 10.43 9.40 -27.96
N VAL B 161 10.97 8.23 -28.33
CA VAL B 161 11.10 7.89 -29.74
C VAL B 161 9.72 7.83 -30.40
N ASP B 162 8.72 7.31 -29.69
CA ASP B 162 7.38 7.22 -30.27
C ASP B 162 6.66 8.56 -30.26
N ILE B 163 6.79 9.33 -29.16
CA ILE B 163 6.07 10.59 -29.06
C ILE B 163 6.57 11.59 -30.10
N PHE B 164 7.89 11.81 -30.13
CA PHE B 164 8.49 12.78 -31.03
C PHE B 164 8.87 12.18 -32.38
N GLU B 165 8.64 10.87 -32.58
CA GLU B 165 8.89 10.18 -33.84
C GLU B 165 10.34 10.38 -34.30
N PHE B 166 11.24 9.77 -33.52
CA PHE B 166 12.67 9.89 -33.78
C PHE B 166 13.11 9.12 -35.01
N LEU B 167 12.35 8.10 -35.43
CA LEU B 167 12.74 7.31 -36.59
C LEU B 167 12.66 8.10 -37.88
N GLN B 168 12.02 9.26 -37.88
CA GLN B 168 11.96 10.11 -39.06
C GLN B 168 13.31 10.75 -39.38
N CYS B 169 14.20 10.87 -38.40
CA CYS B 169 15.50 11.50 -38.59
C CYS B 169 16.57 10.77 -37.79
N ARG B 170 16.68 9.45 -37.97
CA ARG B 170 17.65 8.68 -37.21
C ARG B 170 19.07 9.09 -37.54
N ASP B 171 19.33 9.49 -38.79
CA ASP B 171 20.67 9.92 -39.19
C ASP B 171 21.13 11.19 -38.49
N LEU B 172 20.22 11.92 -37.85
CA LEU B 172 20.60 13.12 -37.11
C LEU B 172 21.27 12.83 -35.79
N PHE B 173 21.05 11.64 -35.21
CA PHE B 173 21.62 11.28 -33.93
C PHE B 173 22.90 10.46 -34.05
N ILE B 174 23.26 10.02 -35.26
CA ILE B 174 24.49 9.24 -35.44
C ILE B 174 25.73 10.00 -34.96
N PRO B 175 25.89 11.31 -35.20
CA PRO B 175 27.03 12.00 -34.60
C PRO B 175 27.04 11.94 -33.07
N LYS B 176 25.87 11.90 -32.44
CA LYS B 176 25.81 11.80 -30.98
C LYS B 176 26.08 10.38 -30.50
N VAL B 177 25.69 9.37 -31.27
CA VAL B 177 25.93 7.99 -30.84
C VAL B 177 27.39 7.61 -31.02
N ARG B 178 28.01 8.04 -32.13
CA ARG B 178 29.43 7.80 -32.30
C ARG B 178 30.28 8.56 -31.29
N GLU B 179 29.75 9.68 -30.75
CA GLU B 179 30.43 10.37 -29.67
C GLU B 179 30.41 9.56 -28.38
N MSE B 180 29.34 8.79 -28.15
CA MSE B 180 29.26 7.92 -26.98
C MSE B 180 30.21 6.74 -27.10
O MSE B 180 30.87 6.35 -26.13
CB MSE B 180 27.83 7.40 -26.80
CG MSE B 180 26.81 8.44 -26.36
SE MSE B 180 25.02 7.70 -26.21
CE MSE B 180 24.12 9.22 -25.39
N ILE B 181 30.29 6.17 -28.31
CA ILE B 181 31.16 5.02 -28.56
C ILE B 181 32.62 5.39 -28.29
N ALA B 182 33.03 6.58 -28.72
CA ALA B 182 34.39 7.04 -28.45
C ALA B 182 34.63 7.29 -26.96
N ARG B 183 33.58 7.51 -26.19
CA ARG B 183 33.67 7.66 -24.74
C ARG B 183 33.56 6.34 -24.00
N LYS B 184 33.59 5.22 -24.71
CA LYS B 184 33.55 3.88 -24.11
C LYS B 184 32.25 3.63 -23.35
N GLN B 185 31.16 4.25 -23.80
CA GLN B 185 29.83 4.02 -23.22
C GLN B 185 29.06 3.06 -24.12
N TYR B 186 29.53 1.80 -24.13
CA TYR B 186 28.99 0.82 -25.07
C TYR B 186 27.55 0.45 -24.74
N LYS B 187 27.24 0.25 -23.46
CA LYS B 187 25.90 -0.19 -23.10
C LYS B 187 24.85 0.86 -23.42
N GLU B 188 25.17 2.14 -23.25
CA GLU B 188 24.22 3.19 -23.60
C GLU B 188 24.10 3.32 -25.12
N ALA B 189 25.23 3.53 -25.80
CA ALA B 189 25.22 3.72 -27.24
C ALA B 189 24.63 2.50 -27.97
N GLY B 190 24.88 1.30 -27.45
CA GLY B 190 24.33 0.11 -28.07
C GLY B 190 22.81 0.07 -28.03
N GLN B 191 22.22 0.45 -26.89
CA GLN B 191 20.76 0.43 -26.78
C GLN B 191 20.12 1.53 -27.61
N ILE B 192 20.78 2.69 -27.72
CA ILE B 192 20.26 3.76 -28.56
C ILE B 192 20.24 3.33 -30.02
N ALA B 193 21.27 2.62 -30.46
CA ALA B 193 21.31 2.13 -31.83
C ALA B 193 20.25 1.07 -32.09
N ILE B 194 19.80 0.37 -31.05
CA ILE B 194 18.73 -0.62 -31.22
C ILE B 194 17.37 0.06 -31.17
N ASP B 195 17.19 1.03 -30.27
CA ASP B 195 15.92 1.71 -30.14
C ASP B 195 15.66 2.68 -31.29
N LEU B 196 16.71 3.19 -31.93
CA LEU B 196 16.57 4.00 -33.13
C LEU B 196 16.60 3.15 -34.40
N GLU B 197 16.72 1.83 -34.26
CA GLU B 197 16.67 0.89 -35.39
C GLU B 197 17.77 1.18 -36.41
N LEU B 198 18.95 1.53 -35.90
CA LEU B 198 20.14 1.72 -36.74
C LEU B 198 20.92 0.44 -36.92
N PHE B 199 20.25 -0.63 -37.37
CA PHE B 199 20.86 -1.95 -37.46
C PHE B 199 21.80 -2.10 -38.64
N GLU B 200 22.03 -1.03 -39.41
CA GLU B 200 22.91 -1.10 -40.57
C GLU B 200 23.96 0.00 -40.61
N GLU B 201 24.02 0.86 -39.58
CA GLU B 201 24.88 2.03 -39.61
C GLU B 201 26.21 1.83 -38.90
N PHE B 202 26.33 0.80 -38.07
CA PHE B 202 27.50 0.59 -37.22
C PHE B 202 28.16 -0.75 -37.52
N ASP B 203 29.44 -0.83 -37.16
CA ASP B 203 30.23 -2.04 -37.29
C ASP B 203 30.23 -2.81 -35.97
N GLU B 204 30.70 -4.07 -36.02
CA GLU B 204 30.74 -4.89 -34.82
C GLU B 204 31.80 -4.41 -33.84
N HIS B 205 32.85 -3.75 -34.34
CA HIS B 205 33.89 -3.24 -33.45
C HIS B 205 33.43 -2.02 -32.68
N ASP B 206 32.35 -1.37 -33.14
CA ASP B 206 31.90 -0.12 -32.52
C ASP B 206 31.42 -0.36 -31.09
N PHE B 207 30.51 -1.33 -30.90
CA PHE B 207 30.04 -1.62 -29.55
C PHE B 207 29.62 -3.08 -29.36
N VAL B 208 29.50 -3.82 -30.47
CA VAL B 208 29.07 -5.22 -30.37
C VAL B 208 30.12 -6.05 -29.65
N MSE B 209 31.34 -6.08 -30.18
CA MSE B 209 32.43 -6.82 -29.55
C MSE B 209 32.82 -6.32 -28.14
O MSE B 209 33.05 -7.15 -27.26
CB MSE B 209 33.66 -6.82 -30.46
CG MSE B 209 33.61 -7.85 -31.58
SE MSE B 209 33.35 -9.65 -30.86
CE MSE B 209 33.68 -10.66 -32.50
N PRO B 210 32.91 -5.00 -27.92
CA PRO B 210 33.22 -4.53 -26.57
C PRO B 210 32.22 -4.98 -25.52
N LEU B 211 30.93 -4.98 -25.84
CA LEU B 211 29.93 -5.44 -24.89
C LEU B 211 30.10 -6.92 -24.57
N PHE B 212 30.55 -7.72 -25.54
CA PHE B 212 30.89 -9.11 -25.26
C PHE B 212 32.10 -9.21 -24.35
N MSE B 213 33.01 -8.25 -24.44
CA MSE B 213 34.20 -8.22 -23.59
C MSE B 213 33.86 -7.78 -22.17
O MSE B 213 34.63 -8.02 -21.24
CB MSE B 213 35.26 -7.29 -24.19
CG MSE B 213 35.84 -7.77 -25.51
SE MSE B 213 36.83 -9.44 -25.33
CE MSE B 213 37.28 -9.71 -27.21
N GLN B 214 32.72 -7.13 -22.01
CA GLN B 214 32.27 -6.65 -20.71
C GLN B 214 31.19 -7.53 -20.09
N ASP B 215 30.99 -8.74 -20.62
CA ASP B 215 29.99 -9.72 -20.16
C ASP B 215 28.57 -9.21 -20.35
N LYS B 216 28.38 -8.02 -20.92
CA LYS B 216 27.04 -7.46 -21.17
C LYS B 216 26.50 -8.06 -22.48
N ILE B 217 26.14 -9.34 -22.40
CA ILE B 217 25.74 -10.09 -23.57
C ILE B 217 24.39 -9.65 -24.09
N SER B 218 23.54 -9.09 -23.23
CA SER B 218 22.15 -8.81 -23.60
C SER B 218 22.06 -7.81 -24.74
N ILE B 219 22.71 -6.66 -24.60
CA ILE B 219 22.57 -5.60 -25.62
C ILE B 219 23.28 -6.01 -26.91
N ALA B 220 24.46 -6.60 -26.80
CA ALA B 220 25.24 -6.95 -27.99
C ALA B 220 24.56 -8.05 -28.80
N GLU B 221 23.93 -9.02 -28.13
CA GLU B 221 23.30 -10.12 -28.85
C GLU B 221 22.03 -9.66 -29.57
N ASP B 222 21.29 -8.73 -28.98
CA ASP B 222 20.08 -8.21 -29.63
C ASP B 222 20.42 -7.47 -30.92
N TYR B 223 21.46 -6.64 -30.90
CA TYR B 223 21.86 -5.91 -32.10
C TYR B 223 22.29 -6.86 -33.21
N LEU B 224 22.85 -8.02 -32.85
CA LEU B 224 23.30 -8.98 -33.85
C LEU B 224 22.11 -9.66 -34.54
N ASN B 225 21.03 -9.89 -33.79
CA ASN B 225 19.87 -10.58 -34.36
C ASN B 225 19.25 -9.81 -35.51
N LYS B 226 19.12 -8.50 -35.36
CA LYS B 226 18.51 -7.66 -36.39
C LYS B 226 19.53 -7.13 -37.41
N ALA B 227 20.81 -7.40 -37.20
CA ALA B 227 21.86 -7.00 -38.13
C ALA B 227 22.53 -8.28 -38.64
N GLU B 228 21.92 -8.89 -39.66
CA GLU B 228 22.44 -10.13 -40.21
C GLU B 228 23.82 -9.92 -40.82
N ARG B 229 24.08 -8.72 -41.36
CA ARG B 229 25.35 -8.44 -42.01
C ARG B 229 26.54 -8.69 -41.09
N LEU B 230 26.38 -8.47 -39.79
CA LEU B 230 27.48 -8.58 -38.86
C LEU B 230 27.62 -9.96 -38.23
N GLN B 231 26.56 -10.78 -38.25
CA GLN B 231 26.62 -12.10 -37.60
C GLN B 231 27.74 -12.96 -38.16
N GLY B 232 28.07 -12.80 -39.44
CA GLY B 232 29.12 -13.58 -40.06
C GLY B 232 30.48 -13.30 -39.47
N PRO B 233 30.99 -12.08 -39.66
CA PRO B 233 32.33 -11.76 -39.15
C PRO B 233 32.47 -11.86 -37.64
N VAL B 234 31.37 -11.78 -36.89
CA VAL B 234 31.46 -11.86 -35.43
C VAL B 234 31.84 -13.27 -34.98
N VAL B 235 31.07 -14.27 -35.42
CA VAL B 235 31.37 -15.65 -35.04
C VAL B 235 32.66 -16.12 -35.70
N GLN B 236 32.99 -15.59 -36.88
CA GLN B 236 34.27 -15.90 -37.50
C GLN B 236 35.43 -15.45 -36.62
N LEU B 237 35.33 -14.27 -36.00
CA LEU B 237 36.41 -13.80 -35.13
C LEU B 237 36.40 -14.57 -33.81
N LEU B 238 35.21 -14.88 -33.30
CA LEU B 238 35.12 -15.66 -32.06
C LEU B 238 35.68 -17.06 -32.26
N ASP B 239 35.45 -17.65 -33.44
CA ASP B 239 36.06 -18.93 -33.76
C ASP B 239 37.57 -18.79 -33.92
N SER B 240 38.04 -17.61 -34.33
CA SER B 240 39.47 -17.36 -34.43
C SER B 240 40.15 -17.32 -33.06
N PHE B 241 39.37 -17.18 -31.98
CA PHE B 241 39.97 -17.21 -30.65
C PHE B 241 40.31 -18.64 -30.22
N PHE B 242 39.41 -19.59 -30.47
CA PHE B 242 39.63 -20.97 -30.08
C PHE B 242 40.55 -21.71 -31.07
N ASP B 243 41.47 -20.98 -31.67
CA ASP B 243 42.43 -21.56 -32.58
C ASP B 243 43.52 -22.26 -31.77
N LYS B 244 44.44 -22.89 -32.48
CA LYS B 244 45.57 -23.57 -31.84
C LYS B 244 46.81 -22.70 -31.95
N ARG B 245 46.66 -21.51 -32.51
CA ARG B 245 47.69 -20.49 -32.65
C ARG B 245 48.11 -19.98 -31.29
N GLN B 246 47.21 -19.22 -30.64
CA GLN B 246 47.44 -18.68 -29.32
C GLN B 246 46.26 -18.98 -28.40
N SER B 247 46.55 -18.97 -27.10
CA SER B 247 45.53 -19.16 -26.08
C SER B 247 44.45 -18.08 -26.20
N VAL B 248 43.21 -18.46 -25.90
CA VAL B 248 42.09 -17.54 -26.06
C VAL B 248 42.30 -16.28 -25.23
N GLU B 249 42.98 -16.39 -24.09
CA GLU B 249 43.30 -15.19 -23.31
C GLU B 249 44.26 -14.27 -24.06
N SER B 250 45.18 -14.84 -24.85
CA SER B 250 46.07 -14.01 -25.65
C SER B 250 45.31 -13.33 -26.79
N HIS B 251 44.38 -14.05 -27.41
CA HIS B 251 43.56 -13.45 -28.46
C HIS B 251 42.70 -12.33 -27.90
N CYS B 252 42.15 -12.53 -26.68
CA CYS B 252 41.33 -11.50 -26.07
C CYS B 252 42.17 -10.27 -25.71
N SER B 253 43.32 -10.48 -25.05
CA SER B 253 44.16 -9.35 -24.67
C SER B 253 44.68 -8.59 -25.88
N ARG B 254 44.88 -9.27 -27.01
CA ARG B 254 45.31 -8.59 -28.21
C ARG B 254 44.18 -7.76 -28.82
N TYR B 255 42.95 -8.28 -28.80
CA TYR B 255 41.82 -7.52 -29.30
C TYR B 255 41.48 -6.34 -28.39
N ILE B 256 41.58 -6.54 -27.08
CA ILE B 256 41.25 -5.47 -26.13
C ILE B 256 42.22 -4.30 -26.27
N THR B 257 43.49 -4.58 -26.56
CA THR B 257 44.48 -3.51 -26.68
C THR B 257 44.45 -2.84 -28.04
N GLU B 258 43.88 -3.49 -29.06
CA GLU B 258 43.78 -2.86 -30.37
C GLU B 258 42.63 -1.86 -30.43
N HIS B 259 41.46 -2.25 -29.90
CA HIS B 259 40.27 -1.41 -29.94
C HIS B 259 40.03 -0.65 -28.64
N GLU B 260 40.96 -0.72 -27.69
CA GLU B 260 40.91 0.08 -26.47
C GLU B 260 39.64 -0.18 -25.67
N VAL B 261 39.30 -1.45 -25.50
CA VAL B 261 38.13 -1.80 -24.71
C VAL B 261 38.43 -1.57 -23.23
N THR B 262 37.51 -0.90 -22.55
CA THR B 262 37.69 -0.55 -21.14
C THR B 262 36.61 -1.24 -20.31
N ASP B 263 36.84 -1.27 -18.99
CA ASP B 263 35.94 -1.92 -18.05
C ASP B 263 35.65 -3.36 -18.48
N VAL B 264 36.71 -4.05 -18.85
CA VAL B 264 36.60 -5.40 -19.39
C VAL B 264 36.44 -6.41 -18.26
N TYR B 265 35.58 -7.40 -18.47
CA TYR B 265 35.28 -8.44 -17.49
C TYR B 265 36.14 -9.66 -17.79
N TYR B 266 37.35 -9.71 -17.21
CA TYR B 266 38.29 -10.77 -17.55
C TYR B 266 37.86 -12.13 -17.01
N SER B 267 37.06 -12.16 -15.93
CA SER B 267 36.66 -13.43 -15.35
C SER B 267 35.86 -14.29 -16.30
N LYS B 268 35.23 -13.69 -17.31
CA LYS B 268 34.48 -14.45 -18.29
C LYS B 268 35.34 -14.89 -19.47
N LEU B 269 36.37 -14.11 -19.80
CA LEU B 269 37.21 -14.34 -20.98
C LEU B 269 38.10 -15.55 -20.72
N HIS B 270 37.50 -16.73 -20.82
CA HIS B 270 38.21 -18.00 -20.70
C HIS B 270 37.62 -18.97 -21.71
N GLN B 271 38.21 -20.16 -21.80
CA GLN B 271 37.80 -21.11 -22.83
C GLN B 271 36.37 -21.58 -22.61
N LYS B 272 36.01 -21.91 -21.35
CA LYS B 272 34.67 -22.44 -21.09
C LYS B 272 33.58 -21.39 -21.34
N PRO B 273 33.58 -20.22 -20.68
CA PRO B 273 32.44 -19.32 -20.83
C PRO B 273 32.33 -18.67 -22.20
N LEU B 274 33.46 -18.37 -22.86
CA LEU B 274 33.39 -17.75 -24.18
C LEU B 274 32.95 -18.74 -25.25
N SER B 275 33.24 -20.03 -25.07
CA SER B 275 32.81 -21.04 -26.04
C SER B 275 31.29 -21.18 -26.04
N LYS B 276 30.68 -21.16 -24.85
CA LYS B 276 29.23 -21.28 -24.76
C LYS B 276 28.53 -20.19 -25.57
N LEU B 277 29.14 -19.01 -25.66
CA LEU B 277 28.54 -17.93 -26.44
C LEU B 277 28.69 -18.19 -27.93
N VAL B 278 29.84 -18.73 -28.36
CA VAL B 278 30.03 -19.03 -29.78
C VAL B 278 29.14 -20.19 -30.20
N GLN B 279 28.93 -21.16 -29.30
CA GLN B 279 28.02 -22.26 -29.58
C GLN B 279 26.57 -21.78 -29.61
N ARG B 280 26.27 -20.68 -28.89
CA ARG B 280 24.92 -20.13 -28.89
C ARG B 280 24.55 -19.63 -30.28
N LEU B 281 25.50 -19.01 -30.98
CA LEU B 281 25.30 -18.42 -32.30
C LEU B 281 25.29 -19.45 -33.42
N ALA B 282 25.69 -20.70 -33.15
CA ALA B 282 25.69 -21.74 -34.16
C ALA B 282 24.27 -22.12 -34.59
N LYS B 283 23.30 -21.99 -33.69
CA LYS B 283 21.92 -22.32 -34.05
C LYS B 283 21.35 -21.25 -34.97
N ASN B 284 21.68 -19.98 -34.71
CA ASN B 284 21.14 -18.87 -35.49
C ASN B 284 21.61 -18.89 -36.94
N TYR B 285 22.74 -19.54 -37.23
CA TYR B 285 23.26 -19.61 -38.59
C TYR B 285 24.47 -20.54 -38.61
N ASN B 286 24.81 -21.00 -39.81
CA ASN B 286 25.90 -21.95 -40.02
C ASN B 286 27.23 -21.26 -40.28
N ILE B 287 28.27 -22.08 -40.46
CA ILE B 287 29.63 -21.61 -40.70
C ILE B 287 29.76 -20.99 -42.09
N PHE C 49 -11.87 22.79 13.12
CA PHE C 49 -12.67 23.83 12.50
C PHE C 49 -11.88 24.46 11.35
N ASP C 50 -12.43 24.39 10.14
CA ASP C 50 -11.79 24.94 8.96
C ASP C 50 -12.56 26.17 8.48
N ILE C 51 -12.05 26.81 7.43
CA ILE C 51 -12.52 28.13 7.03
C ILE C 51 -13.63 28.02 5.98
N GLU C 52 -14.79 28.59 6.32
CA GLU C 52 -15.85 28.84 5.36
C GLU C 52 -15.56 30.12 4.59
N LEU C 53 -14.46 30.78 4.93
CA LEU C 53 -14.04 32.01 4.26
C LEU C 53 -13.68 31.77 2.82
N ASP C 54 -13.15 30.59 2.51
CA ASP C 54 -12.66 30.23 1.18
C ASP C 54 -11.89 31.39 0.59
N GLU C 55 -12.06 31.63 -0.70
CA GLU C 55 -11.42 32.73 -1.38
C GLU C 55 -12.48 33.61 -2.01
N ASN C 56 -12.05 34.74 -2.57
CA ASN C 56 -12.99 35.60 -3.26
C ASN C 56 -13.17 35.14 -4.70
N ILE C 57 -12.09 34.64 -5.30
CA ILE C 57 -12.18 34.05 -6.62
C ILE C 57 -12.99 32.76 -6.56
N ALA C 58 -12.88 32.03 -5.44
CA ALA C 58 -13.57 30.76 -5.30
C ALA C 58 -15.01 30.96 -4.90
N ASN C 59 -15.31 32.02 -4.14
CA ASN C 59 -16.69 32.30 -3.77
C ASN C 59 -17.49 32.70 -5.00
N TRP C 60 -16.87 33.48 -5.90
CA TRP C 60 -17.56 33.87 -7.13
C TRP C 60 -17.83 32.66 -8.01
N PHE C 61 -16.93 31.68 -8.01
CA PHE C 61 -17.26 30.42 -8.68
C PHE C 61 -18.49 29.79 -8.05
N GLU C 62 -18.56 29.81 -6.71
CA GLU C 62 -19.72 29.28 -6.02
C GLU C 62 -20.95 30.13 -6.32
N GLY C 63 -20.77 31.45 -6.39
CA GLY C 63 -21.88 32.33 -6.78
C GLY C 63 -22.42 31.99 -8.15
N PHE C 64 -21.53 31.67 -9.09
CA PHE C 64 -21.98 31.18 -10.38
C PHE C 64 -22.60 29.79 -10.26
N ARG C 65 -22.02 28.94 -9.42
CA ARG C 65 -22.51 27.58 -9.25
C ARG C 65 -23.90 27.55 -8.61
N ASP C 66 -24.12 28.35 -7.57
CA ASP C 66 -25.43 28.38 -6.93
C ASP C 66 -26.50 28.99 -7.83
N SER C 67 -26.11 29.95 -8.67
CA SER C 67 -27.09 30.58 -9.56
C SER C 67 -27.60 29.59 -10.61
N PHE C 68 -26.69 28.83 -11.22
CA PHE C 68 -27.08 27.87 -12.24
C PHE C 68 -27.60 26.55 -11.68
N LYS C 69 -27.48 26.32 -10.37
CA LYS C 69 -28.16 25.17 -9.81
C LYS C 69 -29.68 25.37 -9.85
N THR C 70 -30.13 26.61 -9.70
CA THR C 70 -31.55 26.92 -9.78
C THR C 70 -32.13 26.61 -11.16
N PHE C 71 -31.30 26.65 -12.21
CA PHE C 71 -31.80 26.40 -13.56
C PHE C 71 -32.04 24.93 -13.82
N LYS C 72 -31.04 24.09 -13.54
CA LYS C 72 -31.17 22.67 -13.84
C LYS C 72 -30.62 21.82 -12.69
N LYS C 73 -30.93 20.52 -12.76
CA LYS C 73 -30.43 19.51 -11.84
C LYS C 73 -30.21 18.25 -12.66
N GLY C 74 -28.96 18.01 -13.08
CA GLY C 74 -28.69 16.84 -13.89
C GLY C 74 -27.22 16.48 -14.06
N PRO C 75 -26.90 15.85 -15.18
CA PRO C 75 -25.51 15.44 -15.44
C PRO C 75 -24.54 16.60 -15.59
N LEU C 76 -24.99 17.76 -16.06
CA LEU C 76 -24.08 18.88 -16.29
C LEU C 76 -23.52 19.40 -14.97
N ILE C 77 -24.37 19.61 -13.97
CA ILE C 77 -23.87 20.09 -12.69
C ILE C 77 -23.00 19.01 -12.05
N SER C 78 -23.30 17.74 -12.29
CA SER C 78 -22.45 16.67 -11.79
C SER C 78 -21.07 16.75 -12.43
N GLN C 79 -21.03 16.94 -13.75
CA GLN C 79 -19.76 17.04 -14.45
C GLN C 79 -19.01 18.30 -14.02
N ARG C 80 -19.76 19.38 -13.76
CA ARG C 80 -19.14 20.63 -13.30
C ARG C 80 -18.54 20.50 -11.91
N LEU C 81 -19.22 19.77 -11.02
CA LEU C 81 -18.72 19.62 -9.66
C LEU C 81 -17.46 18.76 -9.62
N GLN C 82 -17.45 17.65 -10.35
CA GLN C 82 -16.29 16.76 -10.34
C GLN C 82 -15.04 17.45 -10.87
N MSE C 83 -15.20 18.40 -11.79
CA MSE C 83 -14.05 19.11 -12.33
C MSE C 83 -13.44 20.06 -11.30
O MSE C 83 -12.22 20.26 -11.27
CB MSE C 83 -14.43 19.87 -13.60
CG MSE C 83 -14.67 18.97 -14.79
SE MSE C 83 -13.15 17.79 -15.14
CE MSE C 83 -13.90 16.76 -16.62
N PHE C 84 -14.30 20.64 -10.45
CA PHE C 84 -13.79 21.41 -9.32
C PHE C 84 -13.04 20.52 -8.34
N TYR C 85 -13.62 19.34 -8.04
CA TYR C 85 -12.99 18.42 -7.09
C TYR C 85 -11.61 17.97 -7.58
N MSE C 86 -11.41 17.92 -8.89
CA MSE C 86 -10.14 17.52 -9.46
C MSE C 86 -9.02 18.49 -9.09
O MSE C 86 -7.94 18.08 -8.67
CB MSE C 86 -10.26 17.39 -10.97
CG MSE C 86 -9.22 16.53 -11.63
SE MSE C 86 -9.74 16.13 -13.46
CE MSE C 86 -11.49 15.35 -13.10
N ASN C 87 -9.31 19.79 -9.24
CA ASN C 87 -8.33 20.81 -8.88
C ASN C 87 -8.13 20.90 -7.37
N THR C 88 -9.17 20.56 -6.59
CA THR C 88 -9.13 20.79 -5.14
C THR C 88 -8.02 19.99 -4.46
N ARG C 89 -7.56 20.55 -3.35
CA ARG C 89 -6.67 19.88 -2.42
C ARG C 89 -7.51 19.15 -1.38
N ASN C 90 -7.41 17.82 -1.36
CA ASN C 90 -8.22 17.00 -0.47
C ASN C 90 -9.69 17.25 -0.80
N PRO C 91 -10.27 16.50 -1.73
CA PRO C 91 -11.68 16.75 -2.09
C PRO C 91 -12.63 16.61 -0.92
N TYR C 92 -12.33 15.72 0.02
CA TYR C 92 -13.19 15.54 1.19
C TYR C 92 -13.32 16.85 1.97
N GLU C 93 -12.19 17.52 2.20
CA GLU C 93 -12.20 18.80 2.88
C GLU C 93 -13.02 19.83 2.12
N TRP C 94 -12.86 19.88 0.78
CA TRP C 94 -13.59 20.87 0.00
C TRP C 94 -15.07 20.54 -0.12
N SER C 95 -15.44 19.26 -0.13
CA SER C 95 -16.85 18.92 -0.15
C SER C 95 -17.56 19.49 1.07
N LEU C 96 -16.90 19.47 2.22
CA LEU C 96 -17.48 20.08 3.42
C LEU C 96 -17.46 21.61 3.33
N LYS C 97 -16.43 22.20 2.71
CA LYS C 97 -16.41 23.65 2.54
C LYS C 97 -17.58 24.12 1.67
N LEU C 98 -17.78 23.45 0.53
CA LEU C 98 -18.90 23.80 -0.33
C LEU C 98 -20.23 23.48 0.35
N PHE C 99 -20.29 22.42 1.15
CA PHE C 99 -21.51 22.10 1.87
C PHE C 99 -21.85 23.18 2.89
N ALA C 100 -20.85 23.69 3.60
CA ALA C 100 -21.12 24.71 4.62
C ALA C 100 -21.51 26.03 3.96
N ASN C 101 -20.89 26.35 2.83
CA ASN C 101 -21.18 27.58 2.10
C ASN C 101 -22.23 27.32 1.02
N CYS C 102 -23.39 26.86 1.49
CA CYS C 102 -24.54 26.59 0.66
C CYS C 102 -25.78 26.88 1.52
N PRO C 103 -26.58 27.86 1.13
CA PRO C 103 -27.73 28.28 1.99
C PRO C 103 -28.72 27.18 2.31
N ASP C 104 -28.65 26.03 1.64
CA ASP C 104 -29.65 24.98 1.83
C ASP C 104 -29.36 24.06 3.02
N HIS C 105 -28.16 24.09 3.58
CA HIS C 105 -27.74 23.06 4.54
C HIS C 105 -28.58 23.02 5.81
N ASN C 106 -29.62 23.86 5.90
CA ASN C 106 -30.53 23.80 7.03
C ASN C 106 -31.61 22.74 6.84
N SER C 107 -31.93 22.41 5.59
CA SER C 107 -32.91 21.35 5.29
C SER C 107 -32.58 20.76 3.93
N PRO C 108 -31.62 19.84 3.88
CA PRO C 108 -31.19 19.28 2.59
C PRO C 108 -32.01 18.09 2.12
N LYS C 109 -32.29 18.07 0.82
CA LYS C 109 -33.00 16.96 0.18
C LYS C 109 -32.37 16.70 -1.18
N SER C 110 -32.78 15.59 -1.80
CA SER C 110 -32.23 15.16 -3.09
C SER C 110 -32.19 16.28 -4.12
N ASN C 111 -33.16 17.19 -4.09
CA ASN C 111 -33.17 18.28 -5.06
C ASN C 111 -32.28 19.44 -4.63
N SER C 112 -31.92 19.49 -3.35
CA SER C 112 -31.13 20.58 -2.82
C SER C 112 -29.69 20.53 -3.32
N LEU C 113 -29.06 21.70 -3.43
CA LEU C 113 -27.67 21.78 -3.87
C LEU C 113 -26.72 21.12 -2.88
N ALA C 114 -26.98 21.26 -1.58
CA ALA C 114 -26.07 20.71 -0.58
C ALA C 114 -25.99 19.19 -0.67
N TYR C 115 -27.12 18.54 -0.91
CA TYR C 115 -27.13 17.07 -1.02
C TYR C 115 -26.33 16.60 -2.23
N THR C 116 -26.41 17.32 -3.35
CA THR C 116 -25.69 16.90 -4.54
C THR C 116 -24.20 17.15 -4.42
N VAL C 117 -23.80 18.18 -3.67
CA VAL C 117 -22.39 18.46 -3.46
C VAL C 117 -21.70 17.27 -2.80
N LEU C 118 -22.34 16.69 -1.78
CA LEU C 118 -21.80 15.48 -1.17
C LEU C 118 -22.04 14.27 -2.07
N GLU C 119 -23.12 14.27 -2.84
CA GLU C 119 -23.41 13.14 -3.72
C GLU C 119 -22.33 12.98 -4.80
N GLU C 120 -21.87 14.09 -5.38
CA GLU C 120 -20.84 14.00 -6.40
C GLU C 120 -19.48 13.68 -5.81
N MSE C 121 -19.25 14.01 -4.54
CA MSE C 121 -18.04 13.60 -3.85
C MSE C 121 -18.00 12.08 -3.78
O MSE C 121 -16.95 11.46 -3.98
CB MSE C 121 -17.97 14.20 -2.44
CG MSE C 121 -16.77 13.73 -1.64
SE MSE C 121 -15.08 14.33 -2.38
CE MSE C 121 -14.08 12.66 -2.27
N ARG C 122 -19.16 11.48 -3.50
CA ARG C 122 -19.27 10.03 -3.51
C ARG C 122 -18.96 9.46 -4.90
N ASN C 123 -19.49 10.09 -5.95
CA ASN C 123 -19.21 9.64 -7.31
C ASN C 123 -17.76 9.89 -7.68
N PHE C 124 -17.21 11.03 -7.24
CA PHE C 124 -15.79 11.30 -7.46
C PHE C 124 -14.91 10.27 -6.76
N LYS C 125 -15.34 9.85 -5.56
CA LYS C 125 -14.55 8.89 -4.80
C LYS C 125 -14.62 7.49 -5.41
N LYS C 126 -15.79 7.10 -5.91
CA LYS C 126 -15.96 5.75 -6.45
C LYS C 126 -15.36 5.62 -7.84
N HIS C 127 -15.54 6.62 -8.70
CA HIS C 127 -15.07 6.50 -10.08
C HIS C 127 -13.55 6.38 -10.15
N TYR C 128 -12.83 7.30 -9.50
CA TYR C 128 -11.38 7.28 -9.49
C TYR C 128 -10.81 6.33 -8.45
N ASN C 129 -11.66 5.59 -7.74
CA ASN C 129 -11.26 4.61 -6.73
C ASN C 129 -10.32 5.24 -5.70
N LEU C 130 -10.84 6.25 -5.01
CA LEU C 130 -10.08 6.96 -4.00
C LEU C 130 -10.38 6.41 -2.62
N GLY C 131 -9.40 6.56 -1.71
CA GLY C 131 -9.54 6.15 -0.34
C GLY C 131 -9.45 7.35 0.59
N THR C 132 -9.67 7.09 1.88
CA THR C 132 -9.62 8.14 2.87
C THR C 132 -8.22 8.33 3.45
N ASP C 133 -7.26 7.52 3.01
CA ASP C 133 -5.91 7.58 3.55
C ASP C 133 -5.24 8.88 3.09
N GLN C 134 -4.52 9.53 4.01
CA GLN C 134 -3.84 10.80 3.80
C GLN C 134 -4.78 11.94 3.46
N LEU C 135 -6.09 11.70 3.54
CA LEU C 135 -7.07 12.74 3.23
C LEU C 135 -8.05 12.97 4.38
N VAL C 136 -8.63 11.92 4.94
CA VAL C 136 -9.58 12.04 6.04
C VAL C 136 -8.93 11.57 7.33
N ASP C 137 -9.17 12.32 8.41
CA ASP C 137 -8.75 12.00 9.75
C ASP C 137 -9.99 11.90 10.64
N ASP C 138 -9.80 11.32 11.84
CA ASP C 138 -10.89 11.29 12.81
C ASP C 138 -11.40 12.69 13.12
N ASN C 139 -10.53 13.69 13.07
CA ASN C 139 -10.96 15.08 13.25
C ASN C 139 -11.89 15.51 12.13
N LEU C 140 -11.58 15.13 10.89
CA LEU C 140 -12.44 15.50 9.76
C LEU C 140 -13.75 14.71 9.79
N ARG C 141 -13.71 13.46 10.24
CA ARG C 141 -14.94 12.69 10.37
C ARG C 141 -15.87 13.30 11.40
N MSE C 142 -15.32 13.91 12.45
CA MSE C 142 -16.14 14.57 13.45
C MSE C 142 -16.75 15.85 12.90
O MSE C 142 -17.86 16.23 13.29
CB MSE C 142 -15.30 14.89 14.70
CG MSE C 142 -15.44 13.86 15.82
SE MSE C 142 -17.25 13.81 16.54
CE MSE C 142 -17.39 15.66 17.13
N VAL C 143 -16.03 16.50 12.00
CA VAL C 143 -16.56 17.69 11.35
C VAL C 143 -17.78 17.34 10.50
N ALA C 144 -17.67 16.27 9.71
CA ALA C 144 -18.78 15.85 8.87
C ALA C 144 -19.95 15.36 9.72
N PHE C 145 -19.67 14.72 10.85
CA PHE C 145 -20.75 14.25 11.71
C PHE C 145 -21.57 15.41 12.27
N ASN C 146 -20.90 16.48 12.69
CA ASN C 146 -21.61 17.63 13.24
C ASN C 146 -22.44 18.34 12.19
N PHE C 147 -22.06 18.23 10.91
CA PHE C 147 -22.79 18.94 9.85
C PHE C 147 -24.11 18.26 9.49
N VAL C 148 -24.17 16.93 9.55
CA VAL C 148 -25.32 16.20 9.02
C VAL C 148 -26.12 15.47 10.08
N ALA C 149 -25.66 15.41 11.33
CA ALA C 149 -26.43 14.70 12.36
C ALA C 149 -27.61 15.53 12.86
N LYS C 150 -27.49 16.86 12.85
CA LYS C 150 -28.57 17.70 13.33
C LYS C 150 -29.74 17.76 12.35
N GLN C 151 -29.47 17.59 11.05
CA GLN C 151 -30.49 17.79 10.04
C GLN C 151 -31.63 16.77 10.14
N GLY C 152 -31.38 15.61 10.73
CA GLY C 152 -32.37 14.56 10.85
C GLY C 152 -32.77 13.87 9.57
N HIS C 153 -32.19 14.22 8.43
CA HIS C 153 -32.47 13.56 7.17
C HIS C 153 -31.54 12.38 6.98
N CYS C 154 -32.12 11.19 6.80
CA CYS C 154 -31.34 9.95 6.83
C CYS C 154 -30.48 9.79 5.59
N LEU C 155 -30.99 10.16 4.42
CA LEU C 155 -30.27 9.92 3.18
C LEU C 155 -28.93 10.65 3.16
N LEU C 156 -28.90 11.90 3.64
CA LEU C 156 -27.63 12.63 3.66
C LEU C 156 -26.65 12.02 4.66
N PHE C 157 -27.14 11.53 5.79
CA PHE C 157 -26.24 10.94 6.78
C PHE C 157 -25.65 9.62 6.29
N ARG C 158 -26.47 8.75 5.70
CA ARG C 158 -25.97 7.48 5.20
C ARG C 158 -24.87 7.69 4.16
N MSE C 159 -25.01 8.75 3.36
CA MSE C 159 -24.03 9.05 2.32
C MSE C 159 -22.70 9.48 2.92
O MSE C 159 -21.64 9.07 2.45
CB MSE C 159 -24.58 10.13 1.39
CG MSE C 159 -23.78 10.34 0.14
SE MSE C 159 -24.84 11.33 -1.17
CE MSE C 159 -26.33 10.09 -1.29
N VAL C 160 -22.76 10.30 3.97
CA VAL C 160 -21.55 10.76 4.64
C VAL C 160 -20.87 9.61 5.38
N VAL C 161 -21.66 8.68 5.91
CA VAL C 161 -21.08 7.49 6.52
C VAL C 161 -20.26 6.71 5.51
N ASP C 162 -20.75 6.62 4.27
CA ASP C 162 -20.04 5.89 3.24
C ASP C 162 -18.84 6.66 2.71
N ILE C 163 -18.99 7.97 2.51
CA ILE C 163 -17.92 8.76 1.92
C ILE C 163 -16.72 8.83 2.87
N PHE C 164 -16.94 9.25 4.10
CA PHE C 164 -15.87 9.43 5.07
C PHE C 164 -15.57 8.18 5.88
N GLU C 165 -16.32 7.09 5.67
CA GLU C 165 -16.10 5.83 6.35
C GLU C 165 -16.12 6.00 7.88
N PHE C 166 -17.32 6.28 8.37
CA PHE C 166 -17.51 6.54 9.80
C PHE C 166 -17.32 5.27 10.64
N LEU C 167 -17.46 4.09 10.04
CA LEU C 167 -17.29 2.86 10.81
C LEU C 167 -15.86 2.64 11.26
N GLN C 168 -14.89 3.37 10.71
CA GLN C 168 -13.52 3.25 11.18
C GLN C 168 -13.36 3.79 12.60
N CYS C 169 -14.25 4.70 13.02
CA CYS C 169 -14.20 5.24 14.38
C CYS C 169 -15.62 5.47 14.88
N ARG C 170 -16.49 4.47 14.71
CA ARG C 170 -17.87 4.65 15.16
C ARG C 170 -17.97 4.76 16.67
N ASP C 171 -17.08 4.08 17.40
CA ASP C 171 -17.07 4.18 18.85
C ASP C 171 -16.70 5.57 19.33
N LEU C 172 -16.14 6.40 18.45
CA LEU C 172 -15.85 7.79 18.79
C LEU C 172 -17.10 8.64 18.83
N PHE C 173 -18.17 8.19 18.16
CA PHE C 173 -19.44 8.89 18.13
C PHE C 173 -20.43 8.38 19.18
N ILE C 174 -20.12 7.28 19.87
CA ILE C 174 -21.03 6.77 20.90
C ILE C 174 -21.29 7.80 21.99
N PRO C 175 -20.29 8.54 22.49
CA PRO C 175 -20.62 9.63 23.43
C PRO C 175 -21.55 10.67 22.84
N LYS C 176 -21.52 10.90 21.53
CA LYS C 176 -22.34 11.92 20.92
C LYS C 176 -23.80 11.49 20.79
N VAL C 177 -24.04 10.20 20.54
CA VAL C 177 -25.42 9.70 20.42
C VAL C 177 -26.05 9.55 21.79
N ARG C 178 -25.27 9.12 22.79
CA ARG C 178 -25.80 9.03 24.16
C ARG C 178 -26.22 10.40 24.68
N GLU C 179 -25.71 11.48 24.07
CA GLU C 179 -26.19 12.82 24.37
C GLU C 179 -27.64 13.00 23.93
N MSE C 180 -27.91 12.77 22.64
CA MSE C 180 -29.23 12.97 22.06
C MSE C 180 -30.28 12.11 22.77
O MSE C 180 -31.46 12.44 22.76
CB MSE C 180 -29.19 12.66 20.57
CG MSE C 180 -28.16 13.47 19.80
SE MSE C 180 -28.15 13.13 17.88
CE MSE C 180 -26.70 11.83 17.79
N ILE C 181 -29.81 11.02 23.38
CA ILE C 181 -30.70 10.23 24.24
C ILE C 181 -30.96 10.97 25.54
N ALA C 182 -29.92 11.55 26.14
CA ALA C 182 -30.10 12.35 27.34
C ALA C 182 -30.79 13.68 27.05
N ARG C 183 -30.67 14.19 25.82
CA ARG C 183 -31.38 15.39 25.41
C ARG C 183 -32.75 15.10 24.82
N LYS C 184 -33.22 13.86 24.92
CA LYS C 184 -34.55 13.46 24.46
C LYS C 184 -34.73 13.67 22.96
N GLN C 185 -33.64 13.54 22.20
CA GLN C 185 -33.70 13.63 20.74
C GLN C 185 -33.69 12.22 20.15
N TYR C 186 -34.80 11.52 20.39
CA TYR C 186 -34.91 10.11 20.06
C TYR C 186 -34.88 9.89 18.55
N LYS C 187 -35.58 10.75 17.80
CA LYS C 187 -35.69 10.57 16.36
C LYS C 187 -34.33 10.69 15.68
N GLU C 188 -33.49 11.61 16.16
CA GLU C 188 -32.14 11.74 15.61
C GLU C 188 -31.24 10.61 16.08
N ALA C 189 -31.14 10.41 17.40
CA ALA C 189 -30.26 9.39 17.94
C ALA C 189 -30.64 8.00 17.44
N GLY C 190 -31.93 7.75 17.26
CA GLY C 190 -32.35 6.44 16.77
C GLY C 190 -31.85 6.15 15.37
N GLN C 191 -31.92 7.14 14.48
CA GLN C 191 -31.45 6.94 13.11
C GLN C 191 -29.93 6.87 13.04
N ILE C 192 -29.23 7.63 13.88
CA ILE C 192 -27.77 7.57 13.89
C ILE C 192 -27.31 6.18 14.35
N ALA C 193 -27.98 5.63 15.37
CA ALA C 193 -27.62 4.30 15.85
C ALA C 193 -27.93 3.22 14.83
N ILE C 194 -28.86 3.46 13.92
CA ILE C 194 -29.16 2.48 12.88
C ILE C 194 -28.19 2.62 11.72
N ASP C 195 -27.88 3.86 11.33
CA ASP C 195 -26.99 4.07 10.18
C ASP C 195 -25.53 3.77 10.53
N LEU C 196 -25.14 3.88 11.80
CA LEU C 196 -23.82 3.46 12.24
C LEU C 196 -23.77 2.01 12.71
N GLU C 197 -24.91 1.31 12.68
CA GLU C 197 -24.98 -0.11 13.03
C GLU C 197 -24.48 -0.37 14.44
N LEU C 198 -24.83 0.52 15.36
CA LEU C 198 -24.50 0.35 16.78
C LEU C 198 -25.57 -0.48 17.49
N PHE C 199 -25.81 -1.68 16.93
CA PHE C 199 -26.88 -2.56 17.37
C PHE C 199 -26.57 -3.29 18.68
N GLU C 200 -25.45 -3.00 19.34
CA GLU C 200 -25.09 -3.69 20.57
C GLU C 200 -24.76 -2.77 21.73
N GLU C 201 -24.84 -1.45 21.54
CA GLU C 201 -24.42 -0.49 22.56
C GLU C 201 -25.55 0.09 23.40
N PHE C 202 -26.81 -0.05 22.96
CA PHE C 202 -27.92 0.64 23.59
C PHE C 202 -28.94 -0.35 24.14
N ASP C 203 -29.67 0.11 25.14
CA ASP C 203 -30.75 -0.64 25.78
C ASP C 203 -32.09 -0.17 25.19
N GLU C 204 -33.16 -0.91 25.55
CA GLU C 204 -34.48 -0.57 25.03
C GLU C 204 -34.98 0.78 25.56
N HIS C 205 -34.52 1.18 26.75
CA HIS C 205 -34.94 2.45 27.33
C HIS C 205 -34.29 3.65 26.68
N ASP C 206 -33.20 3.45 25.93
CA ASP C 206 -32.44 4.58 25.40
C ASP C 206 -33.24 5.39 24.39
N PHE C 207 -33.80 4.74 23.37
CA PHE C 207 -34.60 5.48 22.40
C PHE C 207 -35.67 4.62 21.75
N VAL C 208 -35.63 3.30 22.00
CA VAL C 208 -36.60 2.40 21.39
C VAL C 208 -38.00 2.72 21.90
N MSE C 209 -38.22 2.54 23.20
CA MSE C 209 -39.52 2.80 23.82
C MSE C 209 -40.01 4.26 23.68
O MSE C 209 -41.20 4.47 23.41
CB MSE C 209 -39.49 2.41 25.30
CG MSE C 209 -39.45 0.92 25.55
SE MSE C 209 -41.05 0.01 24.90
CE MSE C 209 -42.39 1.04 25.85
N PRO C 210 -39.14 5.25 23.87
CA PRO C 210 -39.59 6.64 23.64
C PRO C 210 -40.08 6.90 22.23
N LEU C 211 -39.42 6.35 21.21
CA LEU C 211 -39.89 6.53 19.84
C LEU C 211 -41.23 5.84 19.60
N PHE C 212 -41.48 4.72 20.29
CA PHE C 212 -42.79 4.09 20.23
C PHE C 212 -43.88 4.93 20.88
N MSE C 213 -43.52 5.84 21.77
CA MSE C 213 -44.49 6.69 22.45
C MSE C 213 -44.62 8.04 21.78
O MSE C 213 -45.37 8.91 22.23
CB MSE C 213 -44.13 6.84 23.92
CG MSE C 213 -44.21 5.54 24.70
SE MSE C 213 -43.87 5.74 26.60
CE MSE C 213 -44.31 3.92 27.16
N GLN C 214 -43.85 8.24 20.71
CA GLN C 214 -43.98 9.40 19.84
C GLN C 214 -44.58 9.05 18.49
N ASP C 215 -45.17 7.85 18.37
CA ASP C 215 -45.79 7.31 17.16
C ASP C 215 -44.79 7.09 16.04
N LYS C 216 -43.50 7.35 16.27
CA LYS C 216 -42.46 7.12 15.27
C LYS C 216 -42.07 5.64 15.29
N ILE C 217 -43.00 4.80 14.82
CA ILE C 217 -42.80 3.36 14.87
C ILE C 217 -41.73 2.91 13.89
N SER C 218 -41.52 3.67 12.81
CA SER C 218 -40.62 3.22 11.75
C SER C 218 -39.19 3.11 12.26
N ILE C 219 -38.67 4.16 12.89
CA ILE C 219 -37.28 4.17 13.33
C ILE C 219 -37.07 3.18 14.47
N ALA C 220 -38.02 3.12 15.41
CA ALA C 220 -37.87 2.23 16.55
C ALA C 220 -37.96 0.77 16.12
N GLU C 221 -38.81 0.47 15.13
CA GLU C 221 -38.93 -0.91 14.66
C GLU C 221 -37.71 -1.35 13.86
N ASP C 222 -37.08 -0.43 13.12
CA ASP C 222 -35.90 -0.78 12.35
C ASP C 222 -34.76 -1.22 13.27
N TYR C 223 -34.53 -0.46 14.35
CA TYR C 223 -33.50 -0.87 15.30
C TYR C 223 -33.88 -2.18 15.99
N LEU C 224 -35.18 -2.44 16.16
CA LEU C 224 -35.60 -3.66 16.82
C LEU C 224 -35.42 -4.88 15.92
N ASN C 225 -35.61 -4.72 14.60
CA ASN C 225 -35.43 -5.85 13.69
C ASN C 225 -33.98 -6.34 13.69
N LYS C 226 -33.02 -5.42 13.73
CA LYS C 226 -31.60 -5.78 13.71
C LYS C 226 -31.05 -6.06 15.10
N ALA C 227 -31.84 -5.88 16.15
CA ALA C 227 -31.42 -6.15 17.53
C ALA C 227 -32.30 -7.26 18.09
N GLU C 228 -31.92 -8.51 17.80
CA GLU C 228 -32.68 -9.65 18.29
C GLU C 228 -32.66 -9.73 19.81
N ARG C 229 -31.57 -9.27 20.43
CA ARG C 229 -31.43 -9.33 21.88
C ARG C 229 -32.55 -8.60 22.61
N LEU C 230 -33.07 -7.53 22.01
CA LEU C 230 -34.07 -6.70 22.67
C LEU C 230 -35.51 -7.10 22.36
N GLN C 231 -35.72 -7.91 21.31
CA GLN C 231 -37.08 -8.31 20.93
C GLN C 231 -37.80 -8.96 22.11
N GLY C 232 -37.07 -9.66 22.97
CA GLY C 232 -37.65 -10.29 24.13
C GLY C 232 -38.14 -9.29 25.16
N PRO C 233 -37.22 -8.54 25.77
CA PRO C 233 -37.62 -7.61 26.84
C PRO C 233 -38.56 -6.50 26.38
N VAL C 234 -38.59 -6.15 25.09
CA VAL C 234 -39.47 -5.08 24.64
C VAL C 234 -40.93 -5.53 24.68
N VAL C 235 -41.23 -6.65 24.02
CA VAL C 235 -42.60 -7.17 24.04
C VAL C 235 -42.97 -7.64 25.44
N GLN C 236 -41.98 -8.07 26.23
CA GLN C 236 -42.23 -8.36 27.64
C GLN C 236 -42.77 -7.14 28.36
N LEU C 237 -42.23 -5.96 28.05
CA LEU C 237 -42.71 -4.73 28.67
C LEU C 237 -44.02 -4.25 28.08
N LEU C 238 -44.18 -4.34 26.75
CA LEU C 238 -45.41 -3.87 26.12
C LEU C 238 -46.62 -4.73 26.48
N ASP C 239 -46.43 -6.06 26.55
CA ASP C 239 -47.53 -6.91 26.99
C ASP C 239 -47.79 -6.75 28.47
N SER C 240 -46.77 -6.35 29.24
CA SER C 240 -46.93 -6.08 30.66
C SER C 240 -47.84 -4.89 30.93
N PHE C 241 -48.13 -4.08 29.92
CA PHE C 241 -49.08 -2.98 30.08
C PHE C 241 -50.51 -3.49 30.12
N PHE C 242 -50.83 -4.50 29.31
CA PHE C 242 -52.17 -5.06 29.21
C PHE C 242 -52.56 -5.92 30.41
N ASP C 243 -51.67 -6.12 31.37
CA ASP C 243 -52.04 -6.90 32.55
C ASP C 243 -53.00 -6.08 33.40
N LYS C 244 -53.72 -6.77 34.28
CA LYS C 244 -54.80 -6.15 35.04
C LYS C 244 -54.35 -5.48 36.33
N ARG C 245 -53.05 -5.46 36.63
CA ARG C 245 -52.59 -4.81 37.85
C ARG C 245 -52.90 -3.31 37.84
N GLN C 246 -52.50 -2.61 36.79
CA GLN C 246 -52.82 -1.21 36.63
C GLN C 246 -53.38 -0.93 35.24
N SER C 247 -54.15 0.16 35.15
CA SER C 247 -54.69 0.60 33.87
C SER C 247 -53.54 0.91 32.91
N VAL C 248 -53.76 0.62 31.62
CA VAL C 248 -52.70 0.78 30.63
C VAL C 248 -52.21 2.23 30.57
N GLU C 249 -53.09 3.20 30.82
CA GLU C 249 -52.66 4.59 30.88
C GLU C 249 -51.74 4.86 32.07
N SER C 250 -51.98 4.17 33.20
CA SER C 250 -51.11 4.33 34.35
C SER C 250 -49.75 3.69 34.10
N HIS C 251 -49.72 2.53 33.44
CA HIS C 251 -48.44 1.91 33.12
C HIS C 251 -47.61 2.77 32.19
N CYS C 252 -48.25 3.41 31.20
CA CYS C 252 -47.52 4.26 30.27
C CYS C 252 -46.98 5.49 30.98
N SER C 253 -47.82 6.19 31.74
CA SER C 253 -47.38 7.39 32.44
C SER C 253 -46.31 7.07 33.48
N ARG C 254 -46.32 5.85 34.02
CA ARG C 254 -45.28 5.46 34.96
C ARG C 254 -43.94 5.27 34.26
N TYR C 255 -43.97 4.71 33.04
CA TYR C 255 -42.73 4.59 32.26
C TYR C 255 -42.25 5.97 31.83
N ILE C 256 -43.19 6.87 31.49
CA ILE C 256 -42.81 8.21 31.05
C ILE C 256 -42.13 8.98 32.18
N THR C 257 -42.59 8.77 33.41
CA THR C 257 -42.01 9.47 34.55
C THR C 257 -40.80 8.76 35.15
N GLU C 258 -40.64 7.45 34.91
CA GLU C 258 -39.45 6.76 35.43
C GLU C 258 -38.24 7.02 34.56
N HIS C 259 -38.39 6.89 33.24
CA HIS C 259 -37.30 7.10 32.30
C HIS C 259 -37.32 8.48 31.66
N GLU C 260 -38.19 9.37 32.13
CA GLU C 260 -38.18 10.79 31.76
C GLU C 260 -38.45 11.00 30.27
N VAL C 261 -39.47 10.30 29.75
CA VAL C 261 -39.84 10.46 28.35
C VAL C 261 -40.54 11.80 28.16
N THR C 262 -40.10 12.56 27.15
CA THR C 262 -40.65 13.88 26.87
C THR C 262 -41.26 13.90 25.47
N ASP C 263 -42.07 14.93 25.22
CA ASP C 263 -42.74 15.11 23.93
C ASP C 263 -43.51 13.86 23.51
N VAL C 264 -44.27 13.32 24.46
CA VAL C 264 -44.97 12.07 24.25
C VAL C 264 -46.23 12.33 23.43
N TYR C 265 -46.53 11.40 22.52
CA TYR C 265 -47.73 11.49 21.68
C TYR C 265 -48.82 10.70 22.38
N TYR C 266 -49.55 11.38 23.26
CA TYR C 266 -50.47 10.71 24.18
C TYR C 266 -51.67 10.09 23.48
N SER C 267 -52.03 10.58 22.29
CA SER C 267 -53.20 10.06 21.61
C SER C 267 -53.07 8.59 21.25
N LYS C 268 -51.84 8.07 21.15
CA LYS C 268 -51.63 6.68 20.80
C LYS C 268 -51.56 5.74 22.00
N LEU C 269 -51.09 6.20 23.15
CA LEU C 269 -50.90 5.29 24.30
C LEU C 269 -52.27 4.96 24.91
N HIS C 270 -52.99 4.07 24.23
CA HIS C 270 -54.25 3.53 24.74
C HIS C 270 -54.34 2.07 24.34
N GLN C 271 -55.37 1.40 24.84
CA GLN C 271 -55.52 -0.03 24.61
C GLN C 271 -55.76 -0.35 23.13
N LYS C 272 -56.55 0.48 22.45
CA LYS C 272 -56.91 0.20 21.05
C LYS C 272 -55.70 0.15 20.13
N PRO C 273 -54.92 1.23 19.96
CA PRO C 273 -53.80 1.16 19.00
C PRO C 273 -52.62 0.36 19.50
N LEU C 274 -52.42 0.29 20.82
CA LEU C 274 -51.30 -0.46 21.36
C LEU C 274 -51.46 -1.95 21.14
N SER C 275 -52.70 -2.44 20.99
CA SER C 275 -52.89 -3.85 20.71
C SER C 275 -52.31 -4.22 19.35
N LYS C 276 -52.58 -3.40 18.32
CA LYS C 276 -52.00 -3.65 17.01
C LYS C 276 -50.48 -3.63 17.05
N LEU C 277 -49.90 -2.80 17.91
CA LEU C 277 -48.43 -2.74 17.99
C LEU C 277 -47.86 -3.99 18.66
N VAL C 278 -48.52 -4.47 19.72
CA VAL C 278 -48.03 -5.68 20.38
C VAL C 278 -48.28 -6.91 19.53
N GLN C 279 -49.38 -6.95 18.79
CA GLN C 279 -49.65 -8.11 17.94
C GLN C 279 -48.67 -8.21 16.77
N ARG C 280 -48.23 -7.07 16.24
CA ARG C 280 -47.26 -7.09 15.14
C ARG C 280 -45.87 -7.47 15.61
N LEU C 281 -45.42 -6.90 16.73
CA LEU C 281 -44.04 -7.17 17.17
C LEU C 281 -43.89 -8.51 17.86
N ALA C 282 -44.98 -9.10 18.36
CA ALA C 282 -44.84 -10.43 18.95
C ALA C 282 -44.76 -11.51 17.88
N LYS C 283 -45.52 -11.35 16.78
CA LYS C 283 -45.54 -12.35 15.72
C LYS C 283 -44.37 -12.19 14.75
N ASN C 284 -44.03 -10.95 14.40
CA ASN C 284 -42.90 -10.73 13.51
C ASN C 284 -41.60 -11.21 14.13
N TYR C 285 -41.56 -11.35 15.46
CA TYR C 285 -40.38 -11.80 16.18
C TYR C 285 -40.61 -13.17 16.81
N ASN C 286 -41.73 -13.82 16.49
CA ASN C 286 -42.09 -15.16 16.95
C ASN C 286 -42.00 -15.30 18.48
N ILE C 287 -42.84 -14.52 19.16
CA ILE C 287 -42.92 -14.57 20.61
C ILE C 287 -44.39 -14.36 20.99
N PRO C 288 -45.24 -15.38 20.81
CA PRO C 288 -46.69 -15.19 20.95
C PRO C 288 -47.20 -15.42 22.36
N ARG C 289 -46.37 -15.20 23.36
CA ARG C 289 -46.72 -15.57 24.73
C ARG C 289 -47.67 -14.56 25.37
N GLN C 290 -48.59 -15.08 26.18
CA GLN C 290 -49.44 -14.30 27.08
C GLN C 290 -50.47 -13.44 26.36
N PHE C 291 -51.15 -12.59 27.13
CA PHE C 291 -52.29 -11.79 26.68
C PHE C 291 -51.89 -10.69 25.71
#